data_5I2I
#
_entry.id   5I2I
#
_cell.length_a   63.970
_cell.length_b   82.500
_cell.length_c   211.880
_cell.angle_alpha   90.00
_cell.angle_beta   90.00
_cell.angle_gamma   90.00
#
_symmetry.space_group_name_H-M   'P 21 21 21'
#
loop_
_entity.id
_entity.type
_entity.pdbx_description
1 polymer 'Cetuximab Fab light chain'
2 polymer 'Cetuximab Fab heavy chain'
3 polymer Meditope
4 non-polymer 'PHOSPHATE ION'
5 water water
#
loop_
_entity_poly.entity_id
_entity_poly.type
_entity_poly.pdbx_seq_one_letter_code
_entity_poly.pdbx_strand_id
1 'polypeptide(L)'
;DILLTQSPVILSVSPGERVSFSCRASQSIGTNIHWYQQRTNGSPRLLIKYASESISGIPSRFSGSGSGTDFTLSINSVES
EDIADYYCQQNNNWPTTFGAGTKLELKRTVAAPSVFIFPPSDEQLKSGTASVVCLLNNFYPREAKVQWKVDNALQSGNSQ
ESVTEQDSKDSTYSLSSTLTLSKADYEKHKVYACEVTHQGLSSPVTKSFNRGA
;
A,C
2 'polypeptide(L)'
;QVQLKQSGPGLVQPSQSLSITCTVSGFSLTNYGVHWVRQSPGKGLEWLGVIWSGGNTDYNTPFTSRLSINKDNSKSQVFF
KMNSLQSNDTAIYYCARALTYYDYEFAYWGQGTLVTVSAASTKGPSVFPLAPSSKSTSGGTAALGCLVKDYFPEPVTVSW
NSGALTSGVHTFPAVLQSSGLYSLSSVVTVPSSSLGTQTYICNVNHKPSNTKVDKRVEPKS
;
B,D
3 'polypeptide(L)' GQQDLSTRRLKG E,F
#
loop_
_chem_comp.id
_chem_comp.type
_chem_comp.name
_chem_comp.formula
PO4 non-polymer 'PHOSPHATE ION' 'O4 P -3'
#
# COMPACT_ATOMS: atom_id res chain seq x y z
N ASP A 1 -24.38 -17.09 13.40
CA ASP A 1 -23.14 -17.08 12.62
C ASP A 1 -22.13 -16.07 13.16
N ILE A 2 -20.94 -16.54 13.51
CA ILE A 2 -19.88 -15.64 13.98
C ILE A 2 -19.31 -14.87 12.80
N LEU A 3 -19.23 -13.55 12.94
CA LEU A 3 -18.60 -12.69 11.96
C LEU A 3 -17.10 -12.57 12.26
N LEU A 4 -16.28 -12.89 11.29
CA LEU A 4 -14.83 -12.75 11.40
C LEU A 4 -14.40 -11.57 10.54
N THR A 5 -13.76 -10.58 11.18
CA THR A 5 -13.30 -9.37 10.52
C THR A 5 -11.77 -9.40 10.43
N GLN A 6 -11.25 -9.51 9.21
CA GLN A 6 -9.81 -9.46 8.96
C GLN A 6 -9.39 -8.04 8.59
N SER A 7 -8.27 -7.60 9.14
CA SER A 7 -7.77 -6.27 8.80
C SER A 7 -6.25 -6.29 8.77
N PRO A 8 -5.64 -5.46 7.91
CA PRO A 8 -6.33 -4.65 6.89
C PRO A 8 -6.77 -5.47 5.68
N VAL A 9 -7.31 -4.78 4.68
CA VAL A 9 -7.70 -5.48 3.45
C VAL A 9 -6.47 -5.85 2.64
N ILE A 10 -5.48 -4.98 2.58
CA ILE A 10 -4.24 -5.19 1.84
C ILE A 10 -3.05 -4.86 2.74
N LEU A 11 -2.05 -5.75 2.77
CA LEU A 11 -0.80 -5.51 3.47
C LEU A 11 0.36 -5.47 2.46
N SER A 12 1.15 -4.41 2.53
CA SER A 12 2.28 -4.23 1.62
C SER A 12 3.54 -4.02 2.44
N VAL A 13 4.51 -4.90 2.25
CA VAL A 13 5.71 -4.95 3.09
C VAL A 13 6.90 -5.26 2.19
N SER A 14 8.09 -5.07 2.74
CA SER A 14 9.31 -5.35 1.99
C SER A 14 9.92 -6.67 2.43
N PRO A 15 10.66 -7.35 1.56
CA PRO A 15 11.16 -8.69 1.91
C PRO A 15 12.09 -8.65 3.12
N GLY A 16 11.83 -9.54 4.08
CA GLY A 16 12.57 -9.62 5.31
C GLY A 16 11.91 -8.95 6.49
N GLU A 17 10.93 -8.08 6.25
CA GLU A 17 10.20 -7.47 7.35
C GLU A 17 9.26 -8.47 7.99
N ARG A 18 8.79 -8.12 9.19
CA ARG A 18 7.75 -8.85 9.89
C ARG A 18 6.39 -8.36 9.45
N VAL A 19 5.38 -9.21 9.62
CA VAL A 19 4.02 -8.88 9.20
C VAL A 19 3.03 -9.69 10.04
N SER A 20 1.93 -9.05 10.41
CA SER A 20 0.89 -9.66 11.22
C SER A 20 -0.46 -9.47 10.53
N PHE A 21 -1.29 -10.50 10.61
CA PHE A 21 -2.65 -10.45 10.11
C PHE A 21 -3.61 -10.49 11.30
N SER A 22 -4.57 -9.58 11.31
CA SER A 22 -5.57 -9.51 12.38
C SER A 22 -6.84 -10.21 11.94
N CYS A 23 -7.39 -11.03 12.84
CA CYS A 23 -8.71 -11.63 12.69
C CYS A 23 -9.45 -11.39 13.98
N ARG A 24 -10.51 -10.60 13.94
CA ARG A 24 -11.33 -10.34 15.10
C ARG A 24 -12.71 -10.97 14.94
N ALA A 25 -13.18 -11.61 15.99
CA ALA A 25 -14.44 -12.33 15.98
C ALA A 25 -15.52 -11.54 16.70
N SER A 26 -16.77 -11.73 16.28
CA SER A 26 -17.91 -10.99 16.82
C SER A 26 -18.34 -11.49 18.20
N GLN A 27 -17.81 -12.61 18.67
CA GLN A 27 -17.95 -13.00 20.06
C GLN A 27 -16.81 -13.96 20.37
N SER A 28 -16.64 -14.26 21.66
CA SER A 28 -15.50 -15.09 22.05
C SER A 28 -15.60 -16.47 21.41
N ILE A 29 -14.47 -16.97 20.92
CA ILE A 29 -14.46 -18.27 20.26
C ILE A 29 -13.30 -19.10 20.79
N GLY A 30 -12.73 -18.67 21.93
CA GLY A 30 -11.63 -19.40 22.54
C GLY A 30 -10.38 -19.34 21.67
N THR A 31 -9.84 -20.52 21.34
CA THR A 31 -8.74 -20.62 20.40
C THR A 31 -9.13 -21.43 19.17
N ASN A 32 -10.44 -21.46 18.87
CA ASN A 32 -10.96 -22.30 17.78
C ASN A 32 -10.92 -21.51 16.47
N ILE A 33 -9.70 -21.24 16.04
CA ILE A 33 -9.47 -20.49 14.80
C ILE A 33 -8.36 -21.17 14.03
N HIS A 34 -8.51 -21.21 12.70
CA HIS A 34 -7.52 -21.76 11.78
C HIS A 34 -7.18 -20.75 10.69
N TRP A 35 -5.97 -20.83 10.17
CA TRP A 35 -5.48 -19.89 9.15
C TRP A 35 -5.15 -20.61 7.85
N TYR A 36 -5.49 -19.98 6.73
CA TYR A 36 -5.20 -20.53 5.41
C TYR A 36 -4.51 -19.54 4.51
N GLN A 37 -3.64 -20.07 3.65
CA GLN A 37 -2.99 -19.32 2.60
C GLN A 37 -3.62 -19.70 1.26
N GLN A 38 -3.80 -18.72 0.37
CA GLN A 38 -4.24 -19.01 -0.99
C GLN A 38 -3.41 -18.22 -1.98
N ARG A 39 -2.74 -18.95 -2.88
CA ARG A 39 -1.91 -18.38 -3.92
C ARG A 39 -2.68 -18.32 -5.24
N THR A 40 -2.14 -17.55 -6.18
CA THR A 40 -2.79 -17.38 -7.48
C THR A 40 -3.12 -18.73 -8.10
N ASN A 41 -4.41 -18.92 -8.40
CA ASN A 41 -4.97 -20.12 -9.01
C ASN A 41 -4.86 -21.36 -8.12
N GLY A 42 -4.76 -21.18 -6.80
CA GLY A 42 -4.57 -22.28 -5.89
C GLY A 42 -5.82 -22.56 -5.06
N SER A 43 -5.78 -23.68 -4.42
CA SER A 43 -6.73 -23.97 -3.37
C SER A 43 -6.13 -23.55 -2.04
N PRO A 44 -6.95 -23.35 -1.01
CA PRO A 44 -6.42 -22.93 0.28
C PRO A 44 -5.47 -23.97 0.88
N ARG A 45 -4.54 -23.47 1.69
CA ARG A 45 -3.49 -24.28 2.30
C ARG A 45 -3.48 -24.00 3.79
N LEU A 46 -3.67 -25.05 4.60
CA LEU A 46 -3.78 -24.92 6.05
C LEU A 46 -2.42 -24.54 6.65
N LEU A 47 -2.38 -23.41 7.37
CA LEU A 47 -1.14 -22.89 7.92
C LEU A 47 -1.02 -23.17 9.42
N ILE A 48 -2.05 -22.78 10.16
CA ILE A 48 -2.09 -22.92 11.61
C ILE A 48 -3.44 -23.54 11.94
N LYS A 49 -3.48 -24.36 12.98
CA LYS A 49 -4.74 -24.81 13.55
C LYS A 49 -4.80 -24.39 15.01
N TYR A 50 -6.02 -24.11 15.48
CA TYR A 50 -6.27 -23.71 16.86
C TYR A 50 -5.31 -22.60 17.28
N ALA A 51 -5.44 -21.47 16.59
CA ALA A 51 -4.76 -20.23 16.96
C ALA A 51 -3.23 -20.30 16.87
N SER A 52 -2.63 -21.39 17.36
CA SER A 52 -1.18 -21.37 17.50
C SER A 52 -0.45 -22.65 17.15
N GLU A 53 -1.14 -23.73 16.78
CA GLU A 53 -0.49 -25.02 16.60
C GLU A 53 0.11 -25.16 15.20
N SER A 54 1.32 -25.70 15.15
CA SER A 54 2.01 -25.90 13.88
C SER A 54 1.32 -26.96 13.03
N ILE A 55 1.59 -26.88 11.73
CA ILE A 55 1.08 -27.83 10.74
C ILE A 55 2.28 -28.40 10.01
N SER A 56 2.26 -29.71 9.80
CA SER A 56 3.36 -30.38 9.10
C SER A 56 3.58 -29.75 7.72
N GLY A 57 4.86 -29.51 7.41
CA GLY A 57 5.23 -29.00 6.10
C GLY A 57 5.10 -27.50 5.89
N ILE A 58 4.81 -26.74 6.93
CA ILE A 58 4.61 -25.29 6.82
C ILE A 58 5.87 -24.60 7.33
N PRO A 59 6.51 -23.74 6.53
CA PRO A 59 7.72 -23.03 6.98
C PRO A 59 7.61 -22.47 8.39
N SER A 60 8.68 -22.58 9.17
CA SER A 60 8.63 -22.15 10.57
C SER A 60 8.42 -20.65 10.72
N ARG A 61 8.60 -19.86 9.66
CA ARG A 61 8.40 -18.42 9.79
C ARG A 61 6.94 -18.05 10.01
N PHE A 62 6.02 -19.01 9.89
CA PHE A 62 4.60 -18.80 10.13
C PHE A 62 4.25 -19.15 11.58
N SER A 63 3.55 -18.24 12.26
CA SER A 63 3.09 -18.48 13.63
C SER A 63 1.78 -17.73 13.85
N GLY A 64 1.04 -18.18 14.86
CA GLY A 64 -0.21 -17.55 15.22
C GLY A 64 -0.37 -17.46 16.73
N SER A 65 -1.09 -16.44 17.17
CA SER A 65 -1.41 -16.27 18.58
C SER A 65 -2.79 -15.66 18.72
N GLY A 66 -3.19 -15.44 19.97
CA GLY A 66 -4.50 -14.89 20.25
C GLY A 66 -5.44 -15.85 20.95
N SER A 67 -6.44 -15.29 21.63
CA SER A 67 -7.50 -16.07 22.27
C SER A 67 -8.67 -15.14 22.52
N GLY A 68 -9.85 -15.73 22.70
CA GLY A 68 -11.04 -14.93 22.85
C GLY A 68 -11.55 -14.42 21.51
N THR A 69 -11.26 -13.15 21.18
CA THR A 69 -11.75 -12.52 19.96
C THR A 69 -10.66 -11.94 19.08
N ASP A 70 -9.45 -11.76 19.58
CA ASP A 70 -8.37 -11.09 18.84
C ASP A 70 -7.30 -12.10 18.50
N PHE A 71 -7.02 -12.26 17.21
CA PHE A 71 -6.11 -13.30 16.73
C PHE A 71 -5.13 -12.72 15.72
N THR A 72 -3.92 -13.26 15.70
CA THR A 72 -2.85 -12.74 14.87
C THR A 72 -2.13 -13.88 14.17
N LEU A 73 -1.97 -13.74 12.86
CA LEU A 73 -1.12 -14.62 12.05
C LEU A 73 0.12 -13.84 11.71
N SER A 74 1.29 -14.38 12.04
CA SER A 74 2.53 -13.65 11.91
C SER A 74 3.50 -14.38 10.98
N ILE A 75 4.19 -13.59 10.15
CA ILE A 75 5.33 -14.07 9.38
C ILE A 75 6.51 -13.22 9.78
N ASN A 76 7.52 -13.84 10.38
CA ASN A 76 8.56 -13.06 11.04
C ASN A 76 9.50 -12.39 10.05
N SER A 77 9.83 -13.07 8.96
CA SER A 77 10.70 -12.52 7.92
C SER A 77 10.11 -12.92 6.57
N VAL A 78 9.38 -12.00 5.94
CA VAL A 78 8.55 -12.36 4.81
C VAL A 78 9.42 -12.64 3.59
N GLU A 79 8.97 -13.59 2.76
CA GLU A 79 9.60 -13.92 1.50
C GLU A 79 8.60 -13.65 0.37
N SER A 80 9.11 -13.60 -0.86
CA SER A 80 8.24 -13.37 -2.02
C SER A 80 7.36 -14.56 -2.30
N GLU A 81 7.73 -15.76 -1.86
CA GLU A 81 6.81 -16.87 -2.03
C GLU A 81 5.60 -16.72 -1.14
N ASP A 82 5.63 -15.76 -0.20
CA ASP A 82 4.48 -15.50 0.65
C ASP A 82 3.41 -14.64 0.00
N ILE A 83 3.63 -14.12 -1.20
CA ILE A 83 2.57 -13.37 -1.89
C ILE A 83 1.34 -14.25 -1.98
N ALA A 84 0.27 -13.84 -1.32
CA ALA A 84 -0.98 -14.58 -1.34
C ALA A 84 -2.07 -13.83 -0.59
N ASP A 85 -3.27 -14.39 -0.57
CA ASP A 85 -4.32 -13.99 0.35
C ASP A 85 -4.30 -14.93 1.55
N TYR A 86 -4.73 -14.41 2.71
CA TYR A 86 -4.75 -15.19 3.94
C TYR A 86 -6.10 -15.03 4.61
N TYR A 87 -6.66 -16.16 5.05
CA TYR A 87 -8.01 -16.22 5.62
C TYR A 87 -7.96 -16.88 6.99
N CYS A 88 -8.79 -16.38 7.91
CA CYS A 88 -9.02 -17.07 9.16
C CYS A 88 -10.35 -17.82 9.10
N GLN A 89 -10.46 -18.84 9.94
CA GLN A 89 -11.64 -19.68 10.05
C GLN A 89 -11.90 -19.95 11.53
N GLN A 90 -13.15 -19.75 11.98
CA GLN A 90 -13.53 -20.13 13.32
C GLN A 90 -14.40 -21.38 13.28
N ASN A 91 -14.27 -22.20 14.31
CA ASN A 91 -15.17 -23.35 14.44
C ASN A 91 -15.55 -23.58 15.90
N ASN A 92 -15.64 -22.53 16.69
CA ASN A 92 -16.14 -22.71 18.03
C ASN A 92 -17.66 -22.83 18.01
N ASN A 93 -18.30 -22.24 16.98
CA ASN A 93 -19.75 -22.23 16.80
C ASN A 93 -20.10 -22.74 15.42
N TRP A 94 -21.14 -23.58 15.37
CA TRP A 94 -21.72 -24.03 14.11
C TRP A 94 -22.63 -22.94 13.54
N PRO A 95 -22.51 -22.66 12.23
CA PRO A 95 -21.59 -23.32 11.29
C PRO A 95 -20.23 -22.65 11.27
N THR A 96 -19.21 -23.35 10.80
CA THR A 96 -17.89 -22.76 10.68
C THR A 96 -17.90 -21.66 9.62
N THR A 97 -17.19 -20.56 9.90
CA THR A 97 -17.20 -19.41 9.02
C THR A 97 -15.77 -18.90 8.84
N PHE A 98 -15.57 -18.19 7.73
CA PHE A 98 -14.27 -17.68 7.35
C PHE A 98 -14.32 -16.16 7.27
N GLY A 99 -13.19 -15.52 7.54
CA GLY A 99 -13.07 -14.11 7.28
C GLY A 99 -12.96 -13.84 5.78
N ALA A 100 -12.89 -12.55 5.46
CA ALA A 100 -12.93 -12.13 4.07
C ALA A 100 -11.54 -12.02 3.44
N GLY A 101 -10.47 -12.13 4.24
CA GLY A 101 -9.13 -12.20 3.71
C GLY A 101 -8.36 -10.89 3.68
N THR A 102 -7.06 -11.00 3.95
CA THR A 102 -6.11 -9.91 3.77
C THR A 102 -5.18 -10.28 2.62
N LYS A 103 -4.93 -9.34 1.71
CA LYS A 103 -3.98 -9.56 0.63
C LYS A 103 -2.58 -9.14 1.08
N LEU A 104 -1.57 -9.92 0.66
CA LEU A 104 -0.17 -9.62 0.99
C LEU A 104 0.58 -9.28 -0.29
N GLU A 105 0.90 -8.01 -0.46
CA GLU A 105 1.73 -7.55 -1.58
C GLU A 105 3.14 -7.27 -1.09
N LEU A 106 4.10 -7.39 -1.99
CA LEU A 106 5.49 -7.18 -1.64
C LEU A 106 6.03 -5.96 -2.36
N LYS A 107 6.82 -5.16 -1.64
CA LYS A 107 7.55 -4.08 -2.26
C LYS A 107 8.86 -4.60 -2.85
N ARG A 108 9.39 -3.90 -3.83
CA ARG A 108 10.71 -4.21 -4.33
C ARG A 108 11.26 -2.97 -5.04
N THR A 109 12.47 -3.10 -5.57
CA THR A 109 13.03 -1.99 -6.33
C THR A 109 12.26 -1.82 -7.63
N VAL A 110 12.33 -0.59 -8.18
CA VAL A 110 11.70 -0.30 -9.46
C VAL A 110 12.33 -1.14 -10.56
N ALA A 111 11.50 -1.71 -11.43
CA ALA A 111 11.93 -2.49 -12.57
C ALA A 111 11.17 -2.00 -13.80
N ALA A 112 11.90 -1.48 -14.78
CA ALA A 112 11.26 -1.02 -16.00
C ALA A 112 10.71 -2.21 -16.79
N PRO A 113 9.58 -2.02 -17.49
CA PRO A 113 9.09 -3.08 -18.37
C PRO A 113 9.97 -3.28 -19.60
N SER A 114 10.07 -4.52 -20.04
CA SER A 114 10.46 -4.84 -21.42
C SER A 114 9.21 -4.87 -22.29
N VAL A 115 9.22 -4.14 -23.40
CA VAL A 115 8.05 -3.95 -24.24
C VAL A 115 8.22 -4.73 -25.54
N PHE A 116 7.21 -5.53 -25.88
CA PHE A 116 7.15 -6.26 -27.14
C PHE A 116 5.80 -6.01 -27.78
N ILE A 117 5.75 -5.95 -29.11
CA ILE A 117 4.51 -5.77 -29.85
C ILE A 117 4.34 -6.92 -30.85
N PHE A 118 3.10 -7.32 -31.06
CA PHE A 118 2.76 -8.45 -31.93
C PHE A 118 1.68 -8.01 -32.91
N PRO A 119 1.92 -8.05 -34.21
CA PRO A 119 0.86 -7.78 -35.18
C PRO A 119 -0.19 -8.87 -35.14
N PRO A 120 -1.35 -8.66 -35.76
CA PRO A 120 -2.31 -9.76 -35.88
C PRO A 120 -1.78 -10.83 -36.81
N SER A 121 -2.13 -12.07 -36.51
CA SER A 121 -1.73 -13.19 -37.36
C SER A 121 -2.64 -13.27 -38.58
N ASP A 122 -2.08 -13.78 -39.69
CA ASP A 122 -2.91 -13.98 -40.87
C ASP A 122 -4.05 -14.96 -40.58
N GLU A 123 -3.86 -15.85 -39.61
CA GLU A 123 -4.93 -16.77 -39.21
C GLU A 123 -6.12 -15.99 -38.65
N GLN A 124 -5.86 -15.04 -37.75
CA GLN A 124 -6.96 -14.25 -37.21
C GLN A 124 -7.62 -13.41 -38.31
N LEU A 125 -6.83 -12.81 -39.19
CA LEU A 125 -7.39 -11.92 -40.20
C LEU A 125 -8.40 -12.62 -41.10
N LYS A 126 -8.21 -13.92 -41.34
CA LYS A 126 -9.19 -14.67 -42.12
C LYS A 126 -10.56 -14.66 -41.45
N SER A 127 -10.60 -14.48 -40.13
CA SER A 127 -11.87 -14.40 -39.43
C SER A 127 -12.49 -13.01 -39.48
N GLY A 128 -11.81 -12.03 -40.05
CA GLY A 128 -12.34 -10.67 -40.16
C GLY A 128 -12.10 -9.78 -38.96
N THR A 129 -11.25 -10.19 -38.02
CA THR A 129 -10.94 -9.41 -36.83
C THR A 129 -9.42 -9.30 -36.70
N ALA A 130 -8.96 -8.21 -36.08
CA ALA A 130 -7.54 -7.94 -35.92
C ALA A 130 -7.23 -7.60 -34.47
N SER A 131 -6.44 -8.43 -33.81
CA SER A 131 -5.94 -8.12 -32.47
C SER A 131 -4.47 -7.77 -32.54
N VAL A 132 -4.11 -6.62 -32.00
CA VAL A 132 -2.72 -6.19 -31.85
C VAL A 132 -2.38 -6.24 -30.37
N VAL A 133 -1.32 -6.94 -30.01
CA VAL A 133 -1.00 -7.17 -28.61
C VAL A 133 0.30 -6.46 -28.27
N CYS A 134 0.29 -5.73 -27.17
CA CYS A 134 1.47 -5.10 -26.61
C CYS A 134 1.74 -5.75 -25.26
N LEU A 135 2.95 -6.29 -25.09
CA LEU A 135 3.35 -6.99 -23.88
C LEU A 135 4.34 -6.11 -23.12
N LEU A 136 4.01 -5.80 -21.86
CA LEU A 136 4.91 -5.14 -20.92
C LEU A 136 5.33 -6.18 -19.89
N ASN A 137 6.61 -6.53 -19.86
CA ASN A 137 7.08 -7.72 -19.17
C ASN A 137 7.94 -7.37 -17.96
N ASN A 138 7.61 -7.96 -16.80
CA ASN A 138 8.49 -8.04 -15.63
C ASN A 138 8.89 -6.66 -15.12
N PHE A 139 7.90 -5.94 -14.62
CA PHE A 139 8.10 -4.58 -14.16
C PHE A 139 7.49 -4.37 -12.79
N TYR A 140 7.94 -3.30 -12.13
CA TYR A 140 7.47 -2.91 -10.81
C TYR A 140 7.70 -1.41 -10.67
N PRO A 141 6.70 -0.67 -10.16
CA PRO A 141 5.45 -1.19 -9.61
C PRO A 141 4.38 -1.37 -10.66
N ARG A 142 3.15 -1.63 -10.20
CA ARG A 142 2.07 -2.08 -11.07
C ARG A 142 1.55 -0.99 -12.01
N GLU A 143 1.70 0.28 -11.65
CA GLU A 143 1.14 1.34 -12.47
C GLU A 143 1.89 1.49 -13.80
N ALA A 144 1.15 1.48 -14.90
CA ALA A 144 1.72 1.72 -16.22
C ALA A 144 0.63 2.23 -17.15
N LYS A 145 1.03 3.04 -18.12
CA LYS A 145 0.13 3.51 -19.16
C LYS A 145 0.54 2.90 -20.49
N VAL A 146 -0.44 2.49 -21.28
CA VAL A 146 -0.21 2.06 -22.65
C VAL A 146 -1.07 2.96 -23.54
N GLN A 147 -0.46 3.58 -24.53
CA GLN A 147 -1.16 4.44 -25.47
C GLN A 147 -1.00 3.88 -26.88
N TRP A 148 -2.12 3.64 -27.53
CA TRP A 148 -2.15 3.09 -28.88
C TRP A 148 -2.35 4.19 -29.92
N LYS A 149 -1.58 4.11 -31.00
CA LYS A 149 -1.75 5.02 -32.13
C LYS A 149 -1.77 4.24 -33.44
N VAL A 150 -2.66 4.64 -34.33
CA VAL A 150 -2.79 4.05 -35.65
C VAL A 150 -2.67 5.20 -36.64
N ASP A 151 -1.56 5.24 -37.38
CA ASP A 151 -1.30 6.35 -38.30
C ASP A 151 -1.45 7.68 -37.57
N ASN A 152 -0.86 7.76 -36.37
CA ASN A 152 -0.84 8.96 -35.53
C ASN A 152 -2.19 9.32 -34.93
N ALA A 153 -3.26 8.58 -35.23
CA ALA A 153 -4.52 8.78 -34.55
C ALA A 153 -4.52 8.03 -33.22
N LEU A 154 -4.81 8.76 -32.14
CA LEU A 154 -4.91 8.17 -30.81
C LEU A 154 -6.10 7.23 -30.72
N GLN A 155 -5.84 5.99 -30.28
CA GLN A 155 -6.90 5.01 -30.12
C GLN A 155 -7.48 5.10 -28.71
N SER A 156 -8.81 5.08 -28.62
CA SER A 156 -9.45 5.17 -27.32
C SER A 156 -10.66 4.25 -27.25
N GLY A 157 -10.72 3.44 -26.18
CA GLY A 157 -11.83 2.56 -25.95
C GLY A 157 -11.79 1.24 -26.69
N ASN A 158 -10.84 1.05 -27.61
CA ASN A 158 -10.78 -0.19 -28.39
C ASN A 158 -9.62 -1.07 -27.94
N SER A 159 -9.19 -0.93 -26.69
CA SER A 159 -8.14 -1.77 -26.14
C SER A 159 -8.55 -2.27 -24.77
N GLN A 160 -7.98 -3.40 -24.38
CA GLN A 160 -8.23 -3.98 -23.07
C GLN A 160 -6.90 -4.42 -22.46
N GLU A 161 -6.78 -4.20 -21.16
CA GLU A 161 -5.58 -4.54 -20.43
C GLU A 161 -5.83 -5.71 -19.48
N SER A 162 -4.78 -6.48 -19.26
CA SER A 162 -4.76 -7.52 -18.26
C SER A 162 -3.40 -7.49 -17.57
N VAL A 163 -3.41 -7.64 -16.25
CA VAL A 163 -2.22 -7.65 -15.43
C VAL A 163 -2.18 -8.95 -14.65
N THR A 164 -1.05 -9.64 -14.71
CA THR A 164 -0.84 -10.82 -13.87
C THR A 164 -0.79 -10.43 -12.41
N GLU A 165 -1.05 -11.41 -11.54
CA GLU A 165 -0.73 -11.22 -10.14
C GLU A 165 0.79 -11.12 -9.97
N GLN A 166 1.20 -10.75 -8.77
CA GLN A 166 2.62 -10.55 -8.52
C GLN A 166 3.37 -11.87 -8.61
N ASP A 167 4.56 -11.81 -9.20
CA ASP A 167 5.35 -13.01 -9.39
C ASP A 167 5.91 -13.48 -8.06
N SER A 168 5.82 -14.78 -7.82
CA SER A 168 6.25 -15.33 -6.55
C SER A 168 7.77 -15.39 -6.43
N LYS A 169 8.52 -15.17 -7.51
CA LYS A 169 9.96 -15.29 -7.45
C LYS A 169 10.66 -13.94 -7.46
N ASP A 170 10.24 -13.03 -8.33
CA ASP A 170 10.92 -11.74 -8.46
C ASP A 170 10.00 -10.56 -8.16
N SER A 171 8.74 -10.82 -7.78
CA SER A 171 7.80 -9.80 -7.29
C SER A 171 7.44 -8.77 -8.36
N THR A 172 7.58 -9.11 -9.64
CA THR A 172 7.21 -8.16 -10.67
C THR A 172 5.80 -8.43 -11.17
N TYR A 173 5.35 -7.57 -12.07
CA TYR A 173 4.11 -7.73 -12.79
C TYR A 173 4.40 -7.77 -14.28
N SER A 174 3.48 -8.36 -15.02
CA SER A 174 3.48 -8.24 -16.47
C SER A 174 2.09 -7.80 -16.90
N LEU A 175 2.03 -7.04 -17.98
CA LEU A 175 0.76 -6.49 -18.45
C LEU A 175 0.65 -6.70 -19.95
N SER A 176 -0.57 -6.91 -20.41
CA SER A 176 -0.88 -7.05 -21.82
C SER A 176 -1.95 -6.03 -22.18
N SER A 177 -1.72 -5.31 -23.27
CA SER A 177 -2.74 -4.44 -23.86
C SER A 177 -3.08 -4.97 -25.23
N THR A 178 -4.34 -5.31 -25.44
CA THR A 178 -4.82 -5.82 -26.71
C THR A 178 -5.67 -4.75 -27.38
N LEU A 179 -5.28 -4.36 -28.58
CA LEU A 179 -6.04 -3.45 -29.42
C LEU A 179 -6.79 -4.26 -30.45
N THR A 180 -8.10 -4.06 -30.56
CA THR A 180 -8.95 -4.85 -31.44
C THR A 180 -9.61 -3.98 -32.51
N LEU A 181 -9.28 -4.25 -33.76
CA LEU A 181 -9.79 -3.61 -34.96
C LEU A 181 -10.52 -4.64 -35.81
N SER A 182 -11.37 -4.14 -36.71
CA SER A 182 -11.87 -5.01 -37.76
C SER A 182 -10.77 -5.21 -38.80
N LYS A 183 -10.94 -6.25 -39.63
CA LYS A 183 -9.97 -6.45 -40.70
C LYS A 183 -9.93 -5.24 -41.62
N ALA A 184 -11.09 -4.68 -41.93
CA ALA A 184 -11.14 -3.56 -42.87
C ALA A 184 -10.38 -2.36 -42.32
N ASP A 185 -10.64 -2.00 -41.06
CA ASP A 185 -9.90 -0.92 -40.45
C ASP A 185 -8.41 -1.22 -40.48
N TYR A 186 -8.02 -2.41 -40.00
CA TYR A 186 -6.62 -2.80 -39.96
C TYR A 186 -5.98 -2.63 -41.32
N GLU A 187 -6.62 -3.17 -42.36
CA GLU A 187 -6.05 -3.07 -43.70
C GLU A 187 -5.98 -1.62 -44.18
N LYS A 188 -6.78 -0.72 -43.62
CA LYS A 188 -6.81 0.66 -44.09
C LYS A 188 -5.64 1.50 -43.59
N HIS A 189 -4.80 0.99 -42.70
CA HIS A 189 -3.74 1.81 -42.10
C HIS A 189 -2.42 1.05 -42.11
N LYS A 190 -1.35 1.75 -41.72
CA LYS A 190 0.01 1.24 -41.87
C LYS A 190 0.77 1.14 -40.56
N VAL A 191 0.88 2.23 -39.79
CA VAL A 191 1.77 2.29 -38.62
C VAL A 191 0.96 2.01 -37.36
N TYR A 192 1.35 0.96 -36.65
CA TYR A 192 0.70 0.55 -35.41
C TYR A 192 1.71 0.67 -34.28
N ALA A 193 1.39 1.48 -33.28
CA ALA A 193 2.37 1.85 -32.28
C ALA A 193 1.78 1.76 -30.89
N CYS A 194 2.59 1.21 -29.99
CA CYS A 194 2.29 1.05 -28.58
C CYS A 194 3.29 1.89 -27.83
N GLU A 195 2.81 2.85 -27.06
CA GLU A 195 3.69 3.72 -26.29
C GLU A 195 3.48 3.43 -24.81
N VAL A 196 4.58 3.19 -24.11
CA VAL A 196 4.54 2.70 -22.74
C VAL A 196 5.21 3.71 -21.83
N THR A 197 4.51 4.05 -20.76
CA THR A 197 4.99 4.95 -19.74
C THR A 197 5.03 4.21 -18.42
N HIS A 198 6.16 4.31 -17.72
CA HIS A 198 6.32 3.64 -16.43
C HIS A 198 7.39 4.35 -15.63
N GLN A 199 7.28 4.25 -14.31
CA GLN A 199 8.21 4.94 -13.42
C GLN A 199 9.66 4.57 -13.70
N GLY A 200 9.92 3.38 -14.21
CA GLY A 200 11.27 2.93 -14.46
C GLY A 200 11.86 3.33 -15.80
N LEU A 201 11.13 4.08 -16.61
CA LEU A 201 11.60 4.57 -17.90
C LEU A 201 11.78 6.08 -17.82
N SER A 202 12.92 6.58 -18.29
CA SER A 202 13.15 8.02 -18.26
C SER A 202 12.38 8.74 -19.35
N SER A 203 11.93 8.02 -20.37
CA SER A 203 11.05 8.58 -21.38
C SER A 203 10.20 7.43 -21.90
N PRO A 204 8.99 7.72 -22.41
CA PRO A 204 8.13 6.64 -22.92
C PRO A 204 8.85 5.81 -23.98
N VAL A 205 8.52 4.53 -24.01
CA VAL A 205 9.09 3.57 -24.96
C VAL A 205 8.01 3.22 -25.97
N THR A 206 8.33 3.35 -27.25
CA THR A 206 7.39 3.07 -28.32
C THR A 206 7.87 1.88 -29.12
N LYS A 207 7.04 0.85 -29.21
CA LYS A 207 7.25 -0.29 -30.11
C LYS A 207 6.20 -0.22 -31.20
N SER A 208 6.63 -0.19 -32.45
CA SER A 208 5.69 -0.03 -33.55
C SER A 208 6.04 -1.00 -34.66
N PHE A 209 5.10 -1.14 -35.60
CA PHE A 209 5.35 -1.91 -36.81
C PHE A 209 4.51 -1.34 -37.93
N ASN A 210 4.98 -1.55 -39.15
CA ASN A 210 4.21 -1.25 -40.35
C ASN A 210 3.54 -2.53 -40.83
N ARG A 211 2.27 -2.43 -41.19
CA ARG A 211 1.54 -3.61 -41.65
C ARG A 211 2.20 -4.19 -42.88
N GLY A 212 2.44 -5.50 -42.85
CA GLY A 212 3.30 -6.15 -43.82
C GLY A 212 4.64 -6.49 -43.18
N ALA A 213 5.62 -5.61 -43.35
CA ALA A 213 6.81 -5.58 -42.50
C ALA A 213 7.47 -4.20 -42.65
N GLN B 1 0.05 -40.35 -1.41
CA GLN B 1 -0.44 -39.40 -0.41
C GLN B 1 -1.93 -39.11 -0.53
N VAL B 2 -2.44 -38.20 0.32
CA VAL B 2 -3.86 -37.87 0.34
C VAL B 2 -4.18 -36.91 -0.79
N GLN B 3 -5.13 -37.28 -1.64
CA GLN B 3 -5.57 -36.41 -2.73
C GLN B 3 -7.09 -36.42 -2.85
N LEU B 4 -7.64 -35.31 -3.30
CA LEU B 4 -9.04 -35.20 -3.68
C LEU B 4 -9.09 -34.59 -5.06
N LYS B 5 -9.77 -35.25 -5.99
CA LYS B 5 -9.83 -34.83 -7.39
C LYS B 5 -11.27 -34.60 -7.79
N GLN B 6 -11.56 -33.41 -8.27
CA GLN B 6 -12.91 -33.01 -8.61
C GLN B 6 -13.13 -33.08 -10.12
N SER B 7 -14.40 -33.23 -10.50
CA SER B 7 -14.76 -33.18 -11.90
C SER B 7 -14.63 -31.75 -12.42
N GLY B 8 -14.63 -31.64 -13.76
CA GLY B 8 -14.28 -30.42 -14.44
C GLY B 8 -15.28 -29.28 -14.32
N PRO B 9 -14.81 -28.08 -14.66
CA PRO B 9 -15.66 -26.89 -14.58
C PRO B 9 -16.70 -26.86 -15.69
N GLY B 10 -17.80 -26.17 -15.40
CA GLY B 10 -18.86 -26.18 -16.40
C GLY B 10 -19.87 -25.08 -16.21
N LEU B 11 -20.75 -25.00 -17.20
CA LEU B 11 -21.89 -24.11 -17.20
C LEU B 11 -23.11 -24.81 -16.61
N VAL B 12 -23.89 -24.09 -15.81
CA VAL B 12 -25.24 -24.53 -15.47
C VAL B 12 -26.19 -23.38 -15.75
N GLN B 13 -27.32 -23.69 -16.37
CA GLN B 13 -28.32 -22.68 -16.67
CA GLN B 13 -28.33 -22.70 -16.68
C GLN B 13 -29.10 -22.30 -15.42
N PRO B 14 -29.58 -21.06 -15.35
CA PRO B 14 -30.38 -20.65 -14.20
C PRO B 14 -31.53 -21.64 -13.95
N SER B 15 -31.87 -21.80 -12.67
CA SER B 15 -32.90 -22.72 -12.18
C SER B 15 -32.49 -24.20 -12.25
N GLN B 16 -31.39 -24.52 -12.93
CA GLN B 16 -30.99 -25.91 -13.04
C GLN B 16 -30.01 -26.28 -11.93
N SER B 17 -29.54 -27.54 -11.94
CA SER B 17 -28.84 -28.13 -10.80
C SER B 17 -27.38 -28.44 -11.12
N LEU B 18 -26.55 -28.28 -10.09
CA LEU B 18 -25.10 -28.45 -10.18
C LEU B 18 -24.69 -29.81 -9.60
N SER B 19 -23.85 -30.56 -10.31
CA SER B 19 -23.35 -31.85 -9.85
C SER B 19 -21.84 -31.88 -9.96
N ILE B 20 -21.16 -32.17 -8.85
CA ILE B 20 -19.71 -32.29 -8.83
C ILE B 20 -19.36 -33.62 -8.19
N THR B 21 -18.33 -34.27 -8.72
CA THR B 21 -17.85 -35.52 -8.15
C THR B 21 -16.44 -35.31 -7.60
N CYS B 22 -16.26 -35.68 -6.33
CA CYS B 22 -14.97 -35.71 -5.66
C CYS B 22 -14.52 -37.16 -5.62
N THR B 23 -13.37 -37.45 -6.21
CA THR B 23 -12.76 -38.77 -6.13
C THR B 23 -11.52 -38.64 -5.25
N VAL B 24 -11.49 -39.42 -4.17
CA VAL B 24 -10.43 -39.29 -3.20
C VAL B 24 -9.49 -40.49 -3.30
N SER B 25 -8.28 -40.31 -2.77
CA SER B 25 -7.33 -41.40 -2.65
C SER B 25 -6.35 -41.03 -1.54
N GLY B 26 -5.58 -42.02 -1.10
CA GLY B 26 -4.77 -41.87 0.09
C GLY B 26 -5.51 -42.06 1.41
N PHE B 27 -6.82 -42.28 1.37
CA PHE B 27 -7.59 -42.56 2.58
C PHE B 27 -8.92 -43.16 2.15
N SER B 28 -9.69 -43.62 3.12
CA SER B 28 -10.95 -44.32 2.90
C SER B 28 -12.10 -43.47 3.38
N LEU B 29 -13.14 -43.36 2.57
CA LEU B 29 -14.30 -42.54 2.94
C LEU B 29 -14.98 -43.06 4.18
N THR B 30 -14.75 -44.33 4.54
CA THR B 30 -15.34 -44.87 5.76
C THR B 30 -14.64 -44.35 7.01
N ASN B 31 -13.51 -43.67 6.87
CA ASN B 31 -12.72 -43.19 7.99
C ASN B 31 -12.71 -41.67 8.14
N TYR B 32 -13.11 -40.93 7.11
CA TYR B 32 -13.07 -39.47 7.17
C TYR B 32 -14.35 -38.89 6.56
N GLY B 33 -14.80 -37.78 7.14
CA GLY B 33 -15.82 -36.96 6.50
C GLY B 33 -15.23 -36.10 5.39
N VAL B 34 -16.04 -35.83 4.38
CA VAL B 34 -15.66 -34.95 3.27
C VAL B 34 -16.56 -33.74 3.33
N HIS B 35 -15.96 -32.56 3.38
CA HIS B 35 -16.71 -31.32 3.44
C HIS B 35 -16.71 -30.64 2.07
N TRP B 36 -17.67 -29.74 1.89
CA TRP B 36 -17.79 -28.92 0.69
C TRP B 36 -17.81 -27.45 1.09
N VAL B 37 -16.92 -26.67 0.48
CA VAL B 37 -16.75 -25.24 0.67
C VAL B 37 -16.83 -24.59 -0.71
N ARG B 38 -17.32 -23.35 -0.76
CA ARG B 38 -17.23 -22.60 -2.00
C ARG B 38 -16.64 -21.22 -1.76
N GLN B 39 -16.25 -20.59 -2.87
CA GLN B 39 -15.64 -19.26 -2.90
C GLN B 39 -16.39 -18.43 -3.92
N SER B 40 -17.12 -17.42 -3.46
CA SER B 40 -17.88 -16.59 -4.39
C SER B 40 -17.53 -15.13 -4.17
N PRO B 41 -17.72 -14.29 -5.20
CA PRO B 41 -17.47 -12.85 -5.00
C PRO B 41 -18.39 -12.23 -3.95
N GLY B 42 -19.64 -12.67 -3.89
CA GLY B 42 -20.57 -12.09 -2.93
C GLY B 42 -20.28 -12.50 -1.49
N LYS B 43 -20.14 -13.80 -1.25
CA LYS B 43 -20.08 -14.30 0.11
C LYS B 43 -18.69 -14.75 0.54
N GLY B 44 -17.70 -14.72 -0.36
CA GLY B 44 -16.36 -15.17 -0.01
C GLY B 44 -16.35 -16.67 0.25
N LEU B 45 -15.48 -17.10 1.18
CA LEU B 45 -15.42 -18.51 1.57
C LEU B 45 -16.63 -18.85 2.43
N GLU B 46 -17.24 -19.98 2.14
CA GLU B 46 -18.57 -20.31 2.66
C GLU B 46 -18.62 -21.82 2.78
N TRP B 47 -18.75 -22.32 4.00
CA TRP B 47 -18.83 -23.75 4.19
C TRP B 47 -20.23 -24.21 3.83
N LEU B 48 -20.32 -25.25 3.00
CA LEU B 48 -21.62 -25.71 2.51
C LEU B 48 -22.18 -26.89 3.29
N GLY B 49 -21.38 -27.93 3.52
CA GLY B 49 -21.85 -29.09 4.25
C GLY B 49 -20.80 -30.18 4.30
N VAL B 50 -21.22 -31.36 4.74
CA VAL B 50 -20.32 -32.47 5.01
C VAL B 50 -21.12 -33.78 4.95
N ILE B 51 -20.48 -34.81 4.42
CA ILE B 51 -20.95 -36.18 4.60
C ILE B 51 -19.91 -36.91 5.43
N TRP B 52 -20.34 -37.49 6.55
CA TRP B 52 -19.46 -38.09 7.55
C TRP B 52 -19.13 -39.52 7.20
N SER B 53 -18.17 -40.08 7.93
CA SER B 53 -17.76 -41.47 7.76
C SER B 53 -18.96 -42.40 7.60
N GLY B 54 -19.95 -42.28 8.47
CA GLY B 54 -21.09 -43.17 8.49
C GLY B 54 -22.23 -42.85 7.56
N GLY B 55 -22.14 -41.79 6.74
CA GLY B 55 -23.18 -41.48 5.77
C GLY B 55 -24.11 -40.35 6.15
N ASN B 56 -24.07 -39.89 7.40
CA ASN B 56 -24.88 -38.76 7.80
C ASN B 56 -24.39 -37.49 7.12
N THR B 57 -25.33 -36.59 6.85
CA THR B 57 -25.05 -35.30 6.25
C THR B 57 -25.46 -34.18 7.19
N ASP B 58 -24.72 -33.08 7.12
CA ASP B 58 -25.14 -31.79 7.67
C ASP B 58 -24.99 -30.76 6.57
N TYR B 59 -25.95 -29.85 6.49
CA TYR B 59 -25.96 -28.80 5.48
C TYR B 59 -26.01 -27.44 6.17
N ASN B 60 -25.16 -26.51 5.72
CA ASN B 60 -25.25 -25.15 6.25
C ASN B 60 -26.67 -24.63 6.05
N THR B 61 -27.11 -23.75 6.96
CA THR B 61 -28.53 -23.44 7.06
C THR B 61 -29.17 -22.96 5.76
N PRO B 62 -28.60 -21.99 5.02
CA PRO B 62 -29.27 -21.53 3.79
C PRO B 62 -29.36 -22.56 2.67
N PHE B 63 -28.77 -23.75 2.83
CA PHE B 63 -28.73 -24.73 1.74
C PHE B 63 -29.43 -26.04 2.08
N THR B 64 -30.04 -26.17 3.25
CA THR B 64 -30.64 -27.44 3.64
C THR B 64 -31.67 -27.92 2.64
N SER B 65 -32.40 -27.00 2.00
CA SER B 65 -33.50 -27.41 1.12
C SER B 65 -33.02 -27.81 -0.27
N ARG B 66 -31.92 -27.25 -0.76
CA ARG B 66 -31.49 -27.50 -2.13
C ARG B 66 -30.14 -28.18 -2.23
N LEU B 67 -29.57 -28.65 -1.13
CA LEU B 67 -28.29 -29.35 -1.16
C LEU B 67 -28.48 -30.81 -0.80
N SER B 68 -27.67 -31.66 -1.42
CA SER B 68 -27.72 -33.10 -1.18
CA SER B 68 -27.70 -33.10 -1.15
C SER B 68 -26.35 -33.70 -1.45
N ILE B 69 -25.79 -34.42 -0.47
CA ILE B 69 -24.47 -35.02 -0.59
C ILE B 69 -24.60 -36.54 -0.39
N ASN B 70 -24.02 -37.30 -1.33
CA ASN B 70 -24.03 -38.75 -1.30
C ASN B 70 -22.62 -39.25 -1.57
N LYS B 71 -22.42 -40.56 -1.37
CA LYS B 71 -21.09 -41.11 -1.61
C LYS B 71 -21.18 -42.60 -1.86
N ASP B 72 -20.23 -43.09 -2.66
CA ASP B 72 -19.96 -44.51 -2.86
C ASP B 72 -18.60 -44.80 -2.21
N ASN B 73 -18.64 -45.45 -1.04
CA ASN B 73 -17.40 -45.77 -0.33
C ASN B 73 -16.47 -46.62 -1.20
N SER B 74 -17.02 -47.65 -1.85
CA SER B 74 -16.19 -48.56 -2.63
C SER B 74 -15.46 -47.82 -3.74
N LYS B 75 -16.15 -46.90 -4.43
CA LYS B 75 -15.56 -46.15 -5.52
C LYS B 75 -14.84 -44.89 -5.05
N SER B 76 -14.80 -44.64 -3.75
CA SER B 76 -14.11 -43.49 -3.18
C SER B 76 -14.58 -42.18 -3.81
N GLN B 77 -15.88 -42.08 -4.06
CA GLN B 77 -16.47 -40.92 -4.69
C GLN B 77 -17.50 -40.28 -3.76
N VAL B 78 -17.46 -38.95 -3.73
CA VAL B 78 -18.47 -38.14 -3.05
C VAL B 78 -19.17 -37.33 -4.12
N PHE B 79 -20.50 -37.32 -4.07
CA PHE B 79 -21.30 -36.62 -5.07
C PHE B 79 -22.01 -35.43 -4.41
N PHE B 80 -21.66 -34.24 -4.89
CA PHE B 80 -22.27 -32.99 -4.48
C PHE B 80 -23.32 -32.62 -5.52
N LYS B 81 -24.48 -32.18 -5.05
CA LYS B 81 -25.59 -31.83 -5.93
C LYS B 81 -26.38 -30.71 -5.27
N MET B 82 -26.54 -29.61 -5.99
CA MET B 82 -27.29 -28.46 -5.49
C MET B 82 -28.35 -28.07 -6.52
N ASN B 83 -29.55 -27.77 -6.04
CA ASN B 83 -30.71 -27.49 -6.88
C ASN B 83 -30.88 -25.99 -7.11
N SER B 84 -31.68 -25.68 -8.13
CA SER B 84 -32.09 -24.33 -8.53
C SER B 84 -30.99 -23.28 -8.31
N LEU B 85 -29.95 -23.33 -9.15
CA LEU B 85 -28.87 -22.37 -9.09
C LEU B 85 -29.28 -21.04 -9.71
N GLN B 86 -28.83 -19.95 -9.12
CA GLN B 86 -28.96 -18.61 -9.67
C GLN B 86 -27.57 -18.05 -9.93
N SER B 87 -27.53 -16.80 -10.43
CA SER B 87 -26.25 -16.18 -10.81
C SER B 87 -25.29 -16.07 -9.63
N ASN B 88 -25.77 -15.75 -8.45
CA ASN B 88 -24.86 -15.60 -7.31
C ASN B 88 -24.37 -16.93 -6.76
N ASP B 89 -24.77 -18.04 -7.37
CA ASP B 89 -24.18 -19.34 -7.06
C ASP B 89 -22.98 -19.64 -7.95
N THR B 90 -22.69 -18.77 -8.91
CA THR B 90 -21.40 -18.79 -9.60
C THR B 90 -20.28 -18.69 -8.58
N ALA B 91 -19.38 -19.68 -8.57
CA ALA B 91 -18.36 -19.76 -7.54
C ALA B 91 -17.41 -20.91 -7.87
N ILE B 92 -16.32 -20.98 -7.11
CA ILE B 92 -15.46 -22.16 -7.15
C ILE B 92 -15.88 -23.07 -6.00
N TYR B 93 -16.20 -24.30 -6.32
CA TYR B 93 -16.61 -25.29 -5.35
C TYR B 93 -15.43 -26.21 -5.04
N TYR B 94 -15.24 -26.51 -3.76
CA TYR B 94 -14.16 -27.38 -3.30
C TYR B 94 -14.73 -28.49 -2.44
N CYS B 95 -14.11 -29.66 -2.52
CA CYS B 95 -14.24 -30.68 -1.48
C CYS B 95 -12.99 -30.61 -0.61
N ALA B 96 -13.16 -30.90 0.68
CA ALA B 96 -12.05 -30.81 1.61
C ALA B 96 -12.12 -31.95 2.60
N ARG B 97 -10.95 -32.31 3.14
CA ARG B 97 -10.86 -33.29 4.21
C ARG B 97 -10.06 -32.68 5.33
N ALA B 98 -10.50 -32.92 6.56
CA ALA B 98 -9.85 -32.35 7.73
C ALA B 98 -8.74 -33.28 8.20
N LEU B 99 -8.02 -32.85 9.24
CA LEU B 99 -6.93 -33.67 9.79
C LEU B 99 -7.46 -34.94 10.45
N THR B 100 -8.47 -34.80 11.30
CA THR B 100 -9.09 -35.92 11.99
C THR B 100 -10.48 -36.16 11.45
N TYR B 101 -11.05 -37.32 11.82
CA TYR B 101 -12.31 -37.74 11.21
C TYR B 101 -13.48 -36.83 11.58
N TYR B 102 -13.38 -36.10 12.68
CA TYR B 102 -14.51 -35.39 13.26
C TYR B 102 -14.40 -33.88 13.18
N ASP B 103 -13.30 -33.35 12.66
CA ASP B 103 -12.98 -31.93 12.83
C ASP B 103 -13.18 -31.15 11.53
N TYR B 104 -12.84 -29.85 11.59
CA TYR B 104 -13.13 -28.91 10.52
C TYR B 104 -11.90 -28.11 10.10
N GLU B 105 -10.70 -28.54 10.46
CA GLU B 105 -9.49 -27.84 10.02
C GLU B 105 -9.01 -28.53 8.75
N PHE B 106 -9.18 -27.83 7.61
CA PHE B 106 -9.16 -28.46 6.30
C PHE B 106 -7.74 -28.51 5.75
N ALA B 107 -7.06 -29.62 5.98
CA ALA B 107 -5.69 -29.80 5.54
C ALA B 107 -5.58 -30.29 4.10
N TYR B 108 -6.67 -30.77 3.51
CA TYR B 108 -6.62 -31.29 2.15
C TYR B 108 -7.79 -30.75 1.33
N TRP B 109 -7.48 -30.22 0.15
CA TRP B 109 -8.47 -29.61 -0.72
C TRP B 109 -8.41 -30.20 -2.12
N GLY B 110 -9.56 -30.30 -2.75
CA GLY B 110 -9.59 -30.53 -4.17
C GLY B 110 -9.05 -29.31 -4.89
N GLN B 111 -8.94 -29.42 -6.21
CA GLN B 111 -8.40 -28.33 -7.00
C GLN B 111 -9.42 -27.23 -7.26
N GLY B 112 -10.68 -27.47 -6.92
CA GLY B 112 -11.74 -26.52 -7.17
C GLY B 112 -12.40 -26.74 -8.51
N THR B 113 -13.70 -26.45 -8.56
CA THR B 113 -14.48 -26.51 -9.78
C THR B 113 -15.20 -25.18 -9.96
N LEU B 114 -14.74 -24.38 -10.91
CA LEU B 114 -15.39 -23.09 -11.20
C LEU B 114 -16.70 -23.36 -11.92
N VAL B 115 -17.80 -22.99 -11.28
CA VAL B 115 -19.13 -23.17 -11.87
C VAL B 115 -19.66 -21.80 -12.23
N THR B 116 -20.10 -21.65 -13.47
CA THR B 116 -20.72 -20.43 -13.95
C THR B 116 -22.21 -20.68 -14.12
N VAL B 117 -23.03 -19.82 -13.53
CA VAL B 117 -24.47 -19.87 -13.73
C VAL B 117 -24.81 -18.80 -14.75
N SER B 118 -25.23 -19.24 -15.93
CA SER B 118 -25.51 -18.33 -17.03
C SER B 118 -26.47 -18.99 -17.99
N ALA B 119 -27.37 -18.18 -18.57
CA ALA B 119 -28.25 -18.68 -19.61
C ALA B 119 -27.53 -18.89 -20.94
N ALA B 120 -26.32 -18.38 -21.08
CA ALA B 120 -25.60 -18.43 -22.33
C ALA B 120 -25.19 -19.85 -22.67
N SER B 121 -24.45 -19.99 -23.76
CA SER B 121 -24.04 -21.29 -24.28
C SER B 121 -22.53 -21.43 -24.22
N THR B 122 -22.07 -22.67 -24.12
CA THR B 122 -20.63 -22.93 -24.14
C THR B 122 -20.06 -22.65 -25.52
N LYS B 123 -18.83 -22.13 -25.55
CA LYS B 123 -18.16 -21.79 -26.79
C LYS B 123 -16.65 -21.95 -26.63
N GLY B 124 -16.06 -22.82 -27.46
CA GLY B 124 -14.63 -23.04 -27.45
C GLY B 124 -13.86 -21.86 -28.04
N PRO B 125 -12.61 -21.69 -27.61
CA PRO B 125 -11.82 -20.57 -28.09
C PRO B 125 -11.18 -20.89 -29.42
N SER B 126 -10.87 -19.82 -30.17
CA SER B 126 -9.92 -19.87 -31.26
C SER B 126 -8.56 -19.48 -30.70
N VAL B 127 -7.49 -20.12 -31.20
CA VAL B 127 -6.15 -19.89 -30.69
C VAL B 127 -5.29 -19.34 -31.84
N PHE B 128 -4.72 -18.15 -31.63
CA PHE B 128 -3.89 -17.50 -32.63
C PHE B 128 -2.46 -17.31 -32.11
N PRO B 129 -1.45 -17.46 -32.98
CA PRO B 129 -0.07 -17.30 -32.53
C PRO B 129 0.27 -15.83 -32.37
N LEU B 130 1.03 -15.54 -31.31
CA LEU B 130 1.71 -14.26 -31.14
C LEU B 130 3.17 -14.53 -31.50
N ALA B 131 3.49 -14.33 -32.77
CA ALA B 131 4.75 -14.77 -33.34
C ALA B 131 5.90 -13.86 -32.92
N PRO B 132 7.03 -14.42 -32.52
CA PRO B 132 8.23 -13.60 -32.28
C PRO B 132 8.73 -12.97 -33.56
N SER B 133 9.41 -11.84 -33.40
CA SER B 133 10.03 -11.14 -34.52
C SER B 133 11.14 -10.25 -33.95
N SER B 134 11.62 -9.31 -34.78
CA SER B 134 12.53 -8.28 -34.28
C SER B 134 11.80 -7.31 -33.35
N LYS B 135 10.54 -7.00 -33.66
CA LYS B 135 9.67 -6.18 -32.81
C LYS B 135 9.36 -6.87 -31.48
N SER B 136 9.85 -8.09 -31.29
CA SER B 136 9.63 -8.85 -30.08
C SER B 136 10.91 -9.55 -29.58
N THR B 137 12.08 -9.06 -30.01
CA THR B 137 13.39 -9.49 -29.49
C THR B 137 14.08 -8.32 -28.81
N SER B 138 14.71 -8.58 -27.66
CA SER B 138 15.46 -7.57 -26.92
C SER B 138 16.67 -8.22 -26.28
N GLY B 139 17.86 -7.90 -26.77
CA GLY B 139 19.10 -8.37 -26.18
C GLY B 139 19.16 -9.88 -26.01
N GLY B 140 18.91 -10.61 -27.09
CA GLY B 140 18.97 -12.06 -27.05
C GLY B 140 17.71 -12.75 -26.55
N THR B 141 16.71 -12.02 -26.09
CA THR B 141 15.47 -12.59 -25.61
C THR B 141 14.35 -12.31 -26.60
N ALA B 142 13.63 -13.35 -27.00
CA ALA B 142 12.45 -13.22 -27.84
C ALA B 142 11.20 -13.52 -27.02
N ALA B 143 10.13 -12.81 -27.29
CA ALA B 143 8.85 -13.06 -26.63
C ALA B 143 7.88 -13.67 -27.63
N LEU B 144 7.09 -14.64 -27.18
CA LEU B 144 6.13 -15.26 -28.07
C LEU B 144 4.92 -15.68 -27.25
N GLY B 145 3.82 -15.95 -27.93
CA GLY B 145 2.65 -16.29 -27.17
C GLY B 145 1.54 -16.82 -28.04
N CYS B 146 0.40 -17.02 -27.37
CA CYS B 146 -0.84 -17.54 -27.94
C CYS B 146 -1.99 -16.64 -27.53
N LEU B 147 -2.77 -16.22 -28.51
CA LEU B 147 -3.98 -15.44 -28.24
C LEU B 147 -5.15 -16.43 -28.17
N VAL B 148 -5.77 -16.55 -27.01
CA VAL B 148 -6.84 -17.51 -26.77
C VAL B 148 -8.13 -16.72 -26.69
N LYS B 149 -8.89 -16.69 -27.79
CA LYS B 149 -9.92 -15.69 -28.00
C LYS B 149 -11.31 -16.31 -28.08
N ASP B 150 -12.28 -15.59 -27.52
CA ASP B 150 -13.71 -15.79 -27.78
C ASP B 150 -14.23 -17.14 -27.28
N TYR B 151 -14.09 -17.36 -25.96
CA TYR B 151 -14.56 -18.59 -25.34
C TYR B 151 -15.48 -18.26 -24.16
N PHE B 152 -16.26 -19.25 -23.75
CA PHE B 152 -17.17 -19.11 -22.62
C PHE B 152 -17.64 -20.49 -22.16
N PRO B 153 -17.69 -20.71 -20.84
CA PRO B 153 -17.22 -19.79 -19.80
C PRO B 153 -15.75 -20.01 -19.42
N GLU B 154 -15.26 -19.24 -18.46
CA GLU B 154 -14.00 -19.56 -17.79
C GLU B 154 -14.16 -20.93 -17.13
N PRO B 155 -13.05 -21.67 -16.94
CA PRO B 155 -11.65 -21.34 -17.21
C PRO B 155 -11.11 -21.97 -18.48
N VAL B 156 -9.91 -21.58 -18.83
CA VAL B 156 -9.12 -22.26 -19.84
C VAL B 156 -7.75 -22.51 -19.23
N THR B 157 -7.16 -23.65 -19.54
CA THR B 157 -5.81 -23.94 -19.08
C THR B 157 -4.83 -23.82 -20.23
N VAL B 158 -3.68 -23.22 -19.95
CA VAL B 158 -2.62 -23.03 -20.92
C VAL B 158 -1.33 -23.48 -20.29
N SER B 159 -0.66 -24.44 -20.91
CA SER B 159 0.72 -24.75 -20.62
C SER B 159 1.54 -24.62 -21.90
N TRP B 160 2.85 -24.79 -21.75
CA TRP B 160 3.79 -24.66 -22.84
C TRP B 160 4.64 -25.92 -22.97
N ASN B 161 4.75 -26.42 -24.21
CA ASN B 161 5.47 -27.64 -24.51
C ASN B 161 5.09 -28.76 -23.55
N SER B 162 3.78 -28.94 -23.40
CA SER B 162 3.20 -30.08 -22.67
C SER B 162 3.66 -30.12 -21.23
N GLY B 163 3.92 -28.97 -20.62
CA GLY B 163 4.37 -28.88 -19.25
C GLY B 163 5.86 -28.60 -19.10
N ALA B 164 6.67 -28.95 -20.10
CA ALA B 164 8.12 -28.86 -19.95
C ALA B 164 8.62 -27.42 -19.91
N LEU B 165 7.84 -26.46 -20.38
CA LEU B 165 8.29 -25.06 -20.43
C LEU B 165 7.45 -24.29 -19.43
N THR B 166 8.09 -23.81 -18.37
CA THR B 166 7.36 -23.10 -17.33
C THR B 166 8.04 -21.79 -16.98
N SER B 167 9.36 -21.74 -17.14
CA SER B 167 10.11 -20.54 -16.84
C SER B 167 9.80 -19.43 -17.85
N GLY B 168 9.48 -18.25 -17.33
CA GLY B 168 9.17 -17.12 -18.18
C GLY B 168 7.77 -17.11 -18.74
N VAL B 169 6.90 -18.01 -18.28
CA VAL B 169 5.52 -18.05 -18.77
C VAL B 169 4.68 -17.07 -17.96
N HIS B 170 3.88 -16.27 -18.65
CA HIS B 170 2.84 -15.47 -18.03
C HIS B 170 1.54 -15.75 -18.77
N THR B 171 0.58 -16.34 -18.10
CA THR B 171 -0.75 -16.48 -18.66
C THR B 171 -1.61 -15.39 -18.03
N PHE B 172 -2.13 -14.51 -18.86
CA PHE B 172 -2.79 -13.35 -18.29
C PHE B 172 -4.20 -13.73 -17.85
N PRO B 173 -4.72 -13.04 -16.83
CA PRO B 173 -6.13 -13.21 -16.48
C PRO B 173 -7.05 -12.93 -17.66
N ALA B 174 -8.11 -13.74 -17.77
CA ALA B 174 -9.10 -13.52 -18.81
C ALA B 174 -9.80 -12.17 -18.63
N VAL B 175 -10.17 -11.56 -19.75
CA VAL B 175 -10.99 -10.35 -19.75
C VAL B 175 -12.26 -10.64 -20.55
N LEU B 176 -13.36 -10.08 -20.09
CA LEU B 176 -14.67 -10.33 -20.68
C LEU B 176 -14.95 -9.24 -21.71
N GLN B 177 -14.99 -9.62 -22.99
CA GLN B 177 -15.24 -8.67 -24.06
C GLN B 177 -16.71 -8.26 -24.11
N SER B 178 -16.99 -7.19 -24.85
CA SER B 178 -18.37 -6.70 -24.94
C SER B 178 -19.31 -7.73 -25.56
N SER B 179 -18.77 -8.70 -26.31
CA SER B 179 -19.58 -9.80 -26.81
C SER B 179 -20.03 -10.77 -25.73
N GLY B 180 -19.51 -10.64 -24.51
CA GLY B 180 -19.78 -11.62 -23.48
C GLY B 180 -18.97 -12.89 -23.60
N LEU B 181 -17.89 -12.88 -24.37
CA LEU B 181 -16.94 -13.98 -24.44
C LEU B 181 -15.60 -13.51 -23.88
N TYR B 182 -14.84 -14.46 -23.32
CA TYR B 182 -13.56 -14.13 -22.73
C TYR B 182 -12.43 -14.22 -23.74
N SER B 183 -11.35 -13.52 -23.43
CA SER B 183 -10.12 -13.57 -24.21
C SER B 183 -8.93 -13.47 -23.27
N LEU B 184 -7.85 -14.17 -23.62
CA LEU B 184 -6.59 -14.00 -22.90
C LEU B 184 -5.43 -14.32 -23.82
N SER B 185 -4.26 -13.87 -23.40
CA SER B 185 -3.00 -14.25 -23.99
C SER B 185 -2.14 -14.96 -22.95
N SER B 186 -1.33 -15.88 -23.44
CA SER B 186 -0.29 -16.52 -22.66
C SER B 186 1.02 -16.23 -23.36
N VAL B 187 2.00 -15.72 -22.62
CA VAL B 187 3.29 -15.38 -23.24
C VAL B 187 4.39 -16.17 -22.55
N VAL B 188 5.53 -16.22 -23.23
CA VAL B 188 6.76 -16.76 -22.66
C VAL B 188 7.90 -16.03 -23.35
N THR B 189 8.99 -15.82 -22.63
CA THR B 189 10.22 -15.31 -23.21
C THR B 189 11.26 -16.43 -23.26
N VAL B 190 12.02 -16.46 -24.34
CA VAL B 190 12.97 -17.53 -24.61
C VAL B 190 14.20 -16.92 -25.27
N PRO B 191 15.32 -17.64 -25.26
CA PRO B 191 16.48 -17.17 -26.03
C PRO B 191 16.12 -17.12 -27.51
N SER B 192 16.40 -15.98 -28.13
CA SER B 192 16.13 -15.85 -29.57
C SER B 192 16.86 -16.91 -30.38
N SER B 193 18.08 -17.29 -29.97
CA SER B 193 18.85 -18.27 -30.72
C SER B 193 18.25 -19.66 -30.70
N SER B 194 17.27 -19.90 -29.83
CA SER B 194 16.61 -21.19 -29.81
C SER B 194 15.38 -21.24 -30.73
N LEU B 195 14.97 -20.09 -31.28
CA LEU B 195 13.84 -20.07 -32.21
C LEU B 195 14.08 -20.92 -33.44
N GLY B 196 15.34 -21.11 -33.82
CA GLY B 196 15.63 -21.96 -34.95
C GLY B 196 15.51 -23.42 -34.62
N THR B 197 15.94 -23.80 -33.42
CA THR B 197 16.08 -25.21 -33.07
C THR B 197 14.88 -25.76 -32.32
N GLN B 198 14.36 -25.03 -31.35
CA GLN B 198 13.34 -25.54 -30.44
C GLN B 198 11.94 -25.29 -31.00
N THR B 199 10.99 -26.13 -30.60
CA THR B 199 9.59 -25.97 -30.97
C THR B 199 8.79 -25.45 -29.77
N TYR B 200 7.95 -24.45 -30.03
CA TYR B 200 7.18 -23.81 -28.97
C TYR B 200 5.70 -24.00 -29.25
N ILE B 201 5.04 -24.73 -28.35
CA ILE B 201 3.64 -25.08 -28.49
C ILE B 201 2.91 -24.66 -27.23
N CYS B 202 1.85 -23.87 -27.40
CA CYS B 202 0.95 -23.63 -26.28
C CYS B 202 -0.16 -24.67 -26.33
N ASN B 203 -0.38 -25.36 -25.21
CA ASN B 203 -1.42 -26.38 -25.11
C ASN B 203 -2.62 -25.73 -24.45
N VAL B 204 -3.70 -25.58 -25.22
CA VAL B 204 -4.91 -24.94 -24.74
C VAL B 204 -5.95 -26.02 -24.47
N ASN B 205 -6.60 -25.92 -23.31
CA ASN B 205 -7.69 -26.80 -22.96
C ASN B 205 -8.81 -25.97 -22.40
N HIS B 206 -9.97 -26.01 -23.05
CA HIS B 206 -11.17 -25.36 -22.54
C HIS B 206 -12.11 -26.49 -22.14
N LYS B 207 -11.97 -26.93 -20.88
CA LYS B 207 -12.74 -28.08 -20.43
C LYS B 207 -14.25 -27.93 -20.55
N PRO B 208 -14.86 -26.76 -20.33
CA PRO B 208 -16.33 -26.70 -20.48
C PRO B 208 -16.82 -27.02 -21.88
N SER B 209 -15.97 -26.93 -22.90
CA SER B 209 -16.40 -27.21 -24.27
C SER B 209 -15.67 -28.40 -24.87
N ASN B 210 -14.85 -29.10 -24.09
CA ASN B 210 -14.04 -30.23 -24.58
C ASN B 210 -13.20 -29.84 -25.79
N THR B 211 -12.61 -28.65 -25.73
CA THR B 211 -11.77 -28.11 -26.79
C THR B 211 -10.33 -28.18 -26.32
N LYS B 212 -9.53 -29.02 -26.96
CA LYS B 212 -8.10 -29.06 -26.75
C LYS B 212 -7.42 -28.69 -28.07
N VAL B 213 -6.61 -27.64 -28.04
CA VAL B 213 -5.84 -27.20 -29.20
C VAL B 213 -4.38 -27.09 -28.80
N ASP B 214 -3.50 -27.60 -29.66
CA ASP B 214 -2.06 -27.34 -29.57
C ASP B 214 -1.68 -26.40 -30.70
N LYS B 215 -1.20 -25.22 -30.36
CA LYS B 215 -0.82 -24.21 -31.34
C LYS B 215 0.69 -24.10 -31.39
N ARG B 216 1.28 -24.42 -32.54
CA ARG B 216 2.70 -24.16 -32.74
C ARG B 216 2.91 -22.69 -33.06
N VAL B 217 3.87 -22.06 -32.39
CA VAL B 217 4.14 -20.64 -32.58
C VAL B 217 5.54 -20.50 -33.17
N GLU B 218 5.61 -19.96 -34.39
CA GLU B 218 6.84 -19.87 -35.15
C GLU B 218 7.14 -18.42 -35.50
N PRO B 219 8.40 -18.08 -35.70
CA PRO B 219 8.73 -16.73 -36.20
C PRO B 219 8.13 -16.53 -37.58
N LYS B 220 7.65 -15.31 -37.85
CA LYS B 220 6.96 -15.05 -39.12
C LYS B 220 7.91 -14.46 -40.16
N ASP C 1 13.52 -4.33 29.17
CA ASP C 1 12.24 -3.65 29.23
C ASP C 1 11.15 -4.45 28.52
N ILE C 2 9.93 -3.89 28.49
CA ILE C 2 8.80 -4.45 27.77
C ILE C 2 8.87 -3.97 26.33
N LEU C 3 8.95 -4.91 25.38
CA LEU C 3 8.87 -4.58 23.97
C LEU C 3 7.41 -4.57 23.54
N LEU C 4 6.99 -3.50 22.87
CA LEU C 4 5.65 -3.39 22.34
C LEU C 4 5.73 -3.50 20.84
N THR C 5 5.05 -4.49 20.28
CA THR C 5 5.00 -4.68 18.84
C THR C 5 3.65 -4.18 18.33
N GLN C 6 3.69 -3.15 17.50
CA GLN C 6 2.48 -2.67 16.83
C GLN C 6 2.42 -3.20 15.40
N SER C 7 1.20 -3.44 14.92
CA SER C 7 0.99 -3.81 13.52
C SER C 7 -0.41 -3.35 13.04
N PRO C 8 -0.55 -3.07 11.73
CA PRO C 8 0.54 -3.11 10.75
C PRO C 8 1.43 -1.86 10.86
N VAL C 9 2.57 -1.85 10.19
CA VAL C 9 3.40 -0.65 10.19
C VAL C 9 2.72 0.49 9.43
N ILE C 10 2.11 0.17 8.31
CA ILE C 10 1.26 1.11 7.59
C ILE C 10 -0.13 0.51 7.48
N LEU C 11 -1.14 1.32 7.74
CA LEU C 11 -2.54 0.88 7.74
C LEU C 11 -3.34 1.74 6.77
N SER C 12 -3.66 1.18 5.61
CA SER C 12 -4.39 1.92 4.58
C SER C 12 -5.85 1.47 4.57
N VAL C 13 -6.76 2.43 4.84
CA VAL C 13 -8.19 2.14 4.91
C VAL C 13 -8.95 3.19 4.12
N SER C 14 -10.22 2.86 3.80
CA SER C 14 -11.15 3.77 3.15
C SER C 14 -11.97 4.51 4.20
N PRO C 15 -12.53 5.68 3.88
CA PRO C 15 -13.26 6.43 4.90
C PRO C 15 -14.56 5.74 5.27
N GLY C 16 -14.92 5.83 6.55
CA GLY C 16 -16.12 5.22 7.07
C GLY C 16 -15.93 3.80 7.54
N GLU C 17 -14.94 3.10 6.99
CA GLU C 17 -14.57 1.78 7.48
C GLU C 17 -14.17 1.84 8.95
N ARG C 18 -14.35 0.71 9.63
CA ARG C 18 -13.83 0.53 10.99
C ARG C 18 -12.36 0.17 10.91
N VAL C 19 -11.57 0.76 11.80
CA VAL C 19 -10.13 0.60 11.79
C VAL C 19 -9.70 -0.03 13.11
N SER C 20 -8.69 -0.90 13.07
CA SER C 20 -8.21 -1.58 14.26
C SER C 20 -6.69 -1.64 14.26
N PHE C 21 -6.09 -1.05 15.28
CA PHE C 21 -4.63 -1.06 15.48
C PHE C 21 -4.25 -2.12 16.52
N SER C 22 -3.26 -2.93 16.20
CA SER C 22 -2.83 -4.01 17.08
C SER C 22 -1.55 -3.62 17.81
N CYS C 23 -1.54 -3.86 19.13
CA CYS C 23 -0.37 -3.65 19.97
C CYS C 23 -0.18 -4.90 20.81
N ARG C 24 0.99 -5.52 20.69
CA ARG C 24 1.26 -6.80 21.33
C ARG C 24 2.44 -6.63 22.27
N ALA C 25 2.24 -6.95 23.55
CA ALA C 25 3.27 -6.79 24.57
C ALA C 25 4.08 -8.08 24.74
N SER C 26 5.38 -7.93 25.01
CA SER C 26 6.28 -9.06 25.13
C SER C 26 6.04 -9.88 26.39
N GLN C 27 5.28 -9.37 27.33
CA GLN C 27 4.78 -10.16 28.46
C GLN C 27 3.51 -9.48 28.97
N SER C 28 2.79 -10.19 29.83
CA SER C 28 1.52 -9.68 30.34
C SER C 28 1.71 -8.33 31.05
N ILE C 29 0.78 -7.41 30.82
CA ILE C 29 0.81 -6.10 31.43
C ILE C 29 -0.57 -5.68 31.90
N GLY C 30 -1.45 -6.65 32.14
CA GLY C 30 -2.78 -6.35 32.65
C GLY C 30 -3.55 -5.51 31.65
N THR C 31 -4.08 -4.37 32.11
CA THR C 31 -4.68 -3.37 31.23
C THR C 31 -3.90 -2.07 31.24
N ASN C 32 -2.59 -2.13 31.51
CA ASN C 32 -1.81 -0.91 31.73
C ASN C 32 -1.23 -0.41 30.40
N ILE C 33 -2.13 0.00 29.52
CA ILE C 33 -1.78 0.40 28.16
C ILE C 33 -2.50 1.70 27.80
N HIS C 34 -1.74 2.68 27.31
CA HIS C 34 -2.28 3.96 26.87
C HIS C 34 -2.04 4.15 25.37
N TRP C 35 -2.94 4.87 24.72
CA TRP C 35 -2.88 5.10 23.28
C TRP C 35 -2.74 6.59 23.00
N TYR C 36 -1.94 6.91 21.99
CA TYR C 36 -1.68 8.30 21.63
C TYR C 36 -1.83 8.47 20.13
N GLN C 37 -2.13 9.70 19.73
CA GLN C 37 -2.24 10.09 18.33
C GLN C 37 -1.31 11.26 18.08
N GLN C 38 -0.51 11.16 17.02
CA GLN C 38 0.35 12.28 16.62
C GLN C 38 0.04 12.68 15.19
N ARG C 39 -0.45 13.90 15.04
CA ARG C 39 -0.66 14.51 13.75
C ARG C 39 0.62 15.20 13.30
N THR C 40 0.70 15.47 12.00
CA THR C 40 1.86 16.15 11.42
C THR C 40 2.21 17.40 12.22
N ASN C 41 3.49 17.51 12.60
CA ASN C 41 4.09 18.62 13.32
C ASN C 41 3.52 18.81 14.73
N GLY C 42 2.62 17.94 15.17
CA GLY C 42 1.99 18.11 16.47
C GLY C 42 2.73 17.40 17.59
N SER C 43 2.10 17.41 18.78
CA SER C 43 2.56 16.63 19.92
C SER C 43 1.60 15.47 20.14
N PRO C 44 2.05 14.37 20.74
CA PRO C 44 1.14 13.24 20.96
C PRO C 44 -0.11 13.71 21.69
N ARG C 45 -1.24 13.10 21.34
CA ARG C 45 -2.51 13.38 22.00
C ARG C 45 -3.03 12.09 22.60
N LEU C 46 -3.24 12.10 23.91
CA LEU C 46 -3.73 10.94 24.62
C LEU C 46 -5.17 10.60 24.22
N LEU C 47 -5.39 9.37 23.78
CA LEU C 47 -6.71 8.94 23.31
C LEU C 47 -7.44 8.03 24.29
N ILE C 48 -6.75 6.99 24.78
CA ILE C 48 -7.33 5.96 25.62
C ILE C 48 -6.35 5.72 26.76
N LYS C 49 -6.86 5.51 27.97
CA LYS C 49 -6.01 5.16 29.10
C LYS C 49 -6.47 3.84 29.69
N TYR C 50 -5.52 3.04 30.13
CA TYR C 50 -5.81 1.77 30.76
C TYR C 50 -6.69 0.91 29.87
N ALA C 51 -6.23 0.71 28.64
CA ALA C 51 -6.81 -0.18 27.64
C ALA C 51 -8.12 0.33 27.06
N SER C 52 -9.06 0.76 27.90
CA SER C 52 -10.41 0.98 27.43
C SER C 52 -11.07 2.25 27.93
N GLU C 53 -10.41 3.05 28.76
CA GLU C 53 -11.04 4.20 29.40
C GLU C 53 -10.87 5.44 28.55
N SER C 54 -11.95 6.19 28.38
CA SER C 54 -11.96 7.32 27.48
C SER C 54 -11.40 8.57 28.15
N ILE C 55 -11.03 9.53 27.31
CA ILE C 55 -10.40 10.78 27.72
C ILE C 55 -11.30 11.93 27.31
N SER C 56 -11.36 12.96 28.14
CA SER C 56 -12.24 14.09 27.85
C SER C 56 -11.85 14.75 26.53
N GLY C 57 -12.85 14.97 25.68
CA GLY C 57 -12.66 15.69 24.44
C GLY C 57 -12.21 14.84 23.27
N ILE C 58 -12.08 13.53 23.46
CA ILE C 58 -11.74 12.63 22.37
C ILE C 58 -13.06 12.16 21.75
N PRO C 59 -13.17 12.17 20.42
CA PRO C 59 -14.42 11.72 19.80
C PRO C 59 -14.77 10.29 20.19
N SER C 60 -16.08 10.04 20.26
CA SER C 60 -16.61 8.77 20.74
C SER C 60 -16.32 7.63 19.79
N ARG C 61 -15.89 7.91 18.56
CA ARG C 61 -15.53 6.86 17.63
C ARG C 61 -14.21 6.19 18.00
N PHE C 62 -13.43 6.79 18.89
CA PHE C 62 -12.22 6.18 19.42
C PHE C 62 -12.56 5.28 20.61
N SER C 63 -12.10 4.03 20.57
CA SER C 63 -12.26 3.14 21.71
C SER C 63 -11.09 2.18 21.75
N GLY C 64 -10.96 1.47 22.88
CA GLY C 64 -9.88 0.52 23.06
C GLY C 64 -10.32 -0.68 23.85
N SER C 65 -9.59 -1.78 23.65
CA SER C 65 -9.97 -3.04 24.27
C SER C 65 -8.74 -3.94 24.38
N GLY C 66 -8.87 -4.97 25.22
CA GLY C 66 -7.81 -5.94 25.39
C GLY C 66 -7.25 -5.98 26.79
N SER C 67 -6.58 -7.08 27.13
CA SER C 67 -5.89 -7.23 28.40
C SER C 67 -4.89 -8.37 28.27
N GLY C 68 -3.89 -8.35 29.14
CA GLY C 68 -2.82 -9.33 29.10
C GLY C 68 -1.69 -8.88 28.20
N THR C 69 -1.71 -9.32 26.94
CA THR C 69 -0.68 -8.96 25.98
C THR C 69 -1.20 -8.44 24.65
N ASP C 70 -2.46 -8.66 24.32
CA ASP C 70 -3.02 -8.27 23.03
C ASP C 70 -3.97 -7.09 23.24
N PHE C 71 -3.71 -5.98 22.56
CA PHE C 71 -4.54 -4.80 22.74
C PHE C 71 -4.91 -4.24 21.38
N THR C 72 -6.00 -3.48 21.37
CA THR C 72 -6.60 -2.99 20.15
C THR C 72 -7.10 -1.56 20.35
N LEU C 73 -6.71 -0.67 19.45
CA LEU C 73 -7.30 0.66 19.36
C LEU C 73 -8.25 0.68 18.17
N SER C 74 -9.46 1.19 18.37
CA SER C 74 -10.50 1.11 17.33
C SER C 74 -11.09 2.47 17.01
N ILE C 75 -11.26 2.73 15.71
CA ILE C 75 -12.02 3.86 15.21
C ILE C 75 -13.17 3.27 14.41
N ASN C 76 -14.39 3.37 14.95
CA ASN C 76 -15.51 2.67 14.32
C ASN C 76 -15.80 3.19 12.91
N SER C 77 -15.48 4.46 12.63
CA SER C 77 -15.86 5.09 11.36
C SER C 77 -14.80 6.16 11.06
N VAL C 78 -13.79 5.76 10.27
CA VAL C 78 -12.58 6.58 10.16
C VAL C 78 -12.83 7.80 9.27
N GLU C 79 -12.31 8.94 9.71
CA GLU C 79 -12.47 10.22 9.03
C GLU C 79 -11.11 10.74 8.60
N SER C 80 -11.10 11.51 7.50
CA SER C 80 -9.84 12.04 6.99
C SER C 80 -9.09 12.89 8.02
N GLU C 81 -9.82 13.59 8.90
CA GLU C 81 -9.07 14.22 9.98
C GLU C 81 -8.43 13.22 10.97
N ASP C 82 -8.49 11.90 10.75
CA ASP C 82 -7.80 10.95 11.61
C ASP C 82 -6.45 10.53 11.06
N ILE C 83 -6.07 10.97 9.87
CA ILE C 83 -4.73 10.74 9.31
C ILE C 83 -3.69 11.17 10.33
N ALA C 84 -2.93 10.21 10.85
CA ALA C 84 -1.95 10.45 11.90
C ALA C 84 -1.18 9.16 12.14
N ASP C 85 -0.26 9.22 13.09
CA ASP C 85 0.40 8.03 13.61
C ASP C 85 -0.15 7.71 14.99
N TYR C 86 -0.12 6.41 15.34
CA TYR C 86 -0.81 5.94 16.52
C TYR C 86 0.12 5.05 17.33
N TYR C 87 0.26 5.36 18.61
CA TYR C 87 1.22 4.70 19.49
C TYR C 87 0.52 4.10 20.71
N CYS C 88 1.00 2.95 21.15
CA CYS C 88 0.64 2.42 22.45
C CYS C 88 1.80 2.62 23.42
N GLN C 89 1.47 2.58 24.71
CA GLN C 89 2.43 2.75 25.80
C GLN C 89 2.04 1.83 26.93
N GLN C 90 3.02 1.09 27.48
CA GLN C 90 2.76 0.26 28.65
C GLN C 90 3.40 0.91 29.88
N ASN C 91 2.70 0.84 31.02
CA ASN C 91 3.30 1.26 32.28
C ASN C 91 3.00 0.25 33.38
N ASN C 92 3.02 -1.02 33.03
CA ASN C 92 2.98 -2.03 34.07
C ASN C 92 4.39 -2.38 34.56
N ASN C 93 5.42 -2.02 33.81
CA ASN C 93 6.79 -2.33 34.20
C ASN C 93 7.67 -1.14 33.97
N TRP C 94 8.46 -0.80 34.98
CA TRP C 94 9.39 0.31 34.88
C TRP C 94 10.60 -0.09 34.03
N PRO C 95 10.98 0.77 33.07
CA PRO C 95 10.34 2.05 32.79
C PRO C 95 9.20 1.94 31.80
N THR C 96 8.33 2.93 31.76
CA THR C 96 7.28 2.98 30.75
C THR C 96 7.93 3.00 29.36
N THR C 97 7.36 2.22 28.44
CA THR C 97 7.90 2.10 27.10
C THR C 97 6.75 2.27 26.10
N PHE C 98 7.12 2.68 24.88
CA PHE C 98 6.19 2.92 23.79
C PHE C 98 6.42 1.92 22.66
N GLY C 99 5.37 1.68 21.87
CA GLY C 99 5.52 0.98 20.60
C GLY C 99 6.13 1.88 19.54
N ALA C 100 6.46 1.26 18.39
CA ALA C 100 7.04 2.00 17.26
C ALA C 100 6.01 2.76 16.44
N GLY C 101 4.74 2.47 16.61
CA GLY C 101 3.71 3.26 15.96
C GLY C 101 3.18 2.61 14.70
N THR C 102 1.96 2.98 14.34
CA THR C 102 1.32 2.56 13.10
C THR C 102 0.83 3.80 12.39
N LYS C 103 1.20 3.94 11.11
CA LYS C 103 0.77 5.06 10.30
C LYS C 103 -0.59 4.75 9.67
N LEU C 104 -1.48 5.74 9.70
CA LEU C 104 -2.84 5.58 9.17
C LEU C 104 -2.93 6.42 7.91
N GLU C 105 -3.12 5.76 6.78
CA GLU C 105 -3.33 6.40 5.49
C GLU C 105 -4.78 6.21 5.06
N LEU C 106 -5.34 7.23 4.43
CA LEU C 106 -6.71 7.12 3.93
C LEU C 106 -6.72 7.02 2.42
N LYS C 107 -7.49 6.08 1.91
CA LYS C 107 -7.68 5.91 0.48
C LYS C 107 -8.77 6.84 -0.01
N ARG C 108 -8.67 7.21 -1.29
CA ARG C 108 -9.64 8.12 -1.90
C ARG C 108 -9.51 7.96 -3.41
N THR C 109 -10.37 8.65 -4.14
CA THR C 109 -10.38 8.52 -5.59
C THR C 109 -9.15 9.18 -6.18
N VAL C 110 -8.78 8.71 -7.37
CA VAL C 110 -7.64 9.28 -8.08
C VAL C 110 -7.94 10.74 -8.41
N ALA C 111 -6.97 11.60 -8.10
CA ALA C 111 -7.07 13.03 -8.38
C ALA C 111 -5.80 13.51 -9.08
N ALA C 112 -5.97 14.16 -10.23
CA ALA C 112 -4.83 14.64 -10.98
C ALA C 112 -4.21 15.88 -10.33
N PRO C 113 -2.90 16.03 -10.41
CA PRO C 113 -2.26 17.24 -9.89
C PRO C 113 -2.50 18.45 -10.78
N SER C 114 -2.60 19.60 -10.15
CA SER C 114 -2.43 20.87 -10.85
C SER C 114 -0.97 21.26 -10.78
N VAL C 115 -0.42 21.73 -11.90
CA VAL C 115 1.02 21.95 -12.03
C VAL C 115 1.29 23.43 -12.22
N PHE C 116 2.28 23.94 -11.50
CA PHE C 116 2.70 25.33 -11.58
C PHE C 116 4.23 25.35 -11.60
N ILE C 117 4.79 26.21 -12.45
CA ILE C 117 6.24 26.37 -12.50
C ILE C 117 6.58 27.80 -12.09
N PHE C 118 7.74 27.95 -11.45
CA PHE C 118 8.19 29.22 -10.88
C PHE C 118 9.62 29.48 -11.30
N PRO C 119 9.90 30.54 -12.05
CA PRO C 119 11.27 30.87 -12.42
C PRO C 119 12.00 31.44 -11.22
N PRO C 120 13.33 31.43 -11.24
CA PRO C 120 14.08 32.05 -10.15
C PRO C 120 13.85 33.56 -10.09
N SER C 121 13.96 34.11 -8.89
CA SER C 121 13.86 35.54 -8.71
C SER C 121 15.19 36.23 -9.01
N ASP C 122 15.10 37.44 -9.53
CA ASP C 122 16.29 38.25 -9.71
C ASP C 122 17.06 38.39 -8.40
N GLU C 123 16.34 38.48 -7.26
CA GLU C 123 16.99 38.57 -5.96
C GLU C 123 17.92 37.39 -5.72
N GLN C 124 17.46 36.17 -6.01
CA GLN C 124 18.32 35.02 -5.83
C GLN C 124 19.50 35.05 -6.80
N LEU C 125 19.27 35.46 -8.05
CA LEU C 125 20.30 35.39 -9.06
C LEU C 125 21.54 36.16 -8.66
N LYS C 126 21.37 37.25 -7.90
CA LYS C 126 22.52 37.99 -7.40
C LYS C 126 23.46 37.11 -6.56
N SER C 127 23.04 35.92 -6.18
CA SER C 127 23.87 35.04 -5.35
C SER C 127 24.61 33.99 -6.16
N GLY C 128 24.45 33.97 -7.48
CA GLY C 128 25.12 32.99 -8.30
C GLY C 128 24.40 31.67 -8.44
N THR C 129 23.20 31.53 -7.86
CA THR C 129 22.44 30.29 -7.96
C THR C 129 21.03 30.60 -8.43
N ALA C 130 20.50 29.72 -9.27
CA ALA C 130 19.11 29.79 -9.74
C ALA C 130 18.37 28.56 -9.25
N SER C 131 17.28 28.76 -8.49
CA SER C 131 16.37 27.69 -8.12
C SER C 131 15.10 27.79 -8.97
N VAL C 132 14.77 26.72 -9.68
CA VAL C 132 13.54 26.60 -10.44
C VAL C 132 12.64 25.62 -9.71
N VAL C 133 11.38 25.99 -9.52
CA VAL C 133 10.49 25.21 -8.66
C VAL C 133 9.26 24.81 -9.46
N CYS C 134 8.90 23.53 -9.35
CA CYS C 134 7.68 23.00 -9.92
C CYS C 134 6.79 22.48 -8.79
N LEU C 135 5.53 22.91 -8.78
CA LEU C 135 4.55 22.54 -7.79
C LEU C 135 3.55 21.56 -8.38
N LEU C 136 3.23 20.51 -7.64
CA LEU C 136 2.16 19.58 -8.00
C LEU C 136 1.16 19.62 -6.85
N ASN C 137 0.00 20.20 -7.10
CA ASN C 137 -0.92 20.51 -6.03
C ASN C 137 -2.02 19.47 -5.92
N ASN C 138 -2.36 19.12 -4.67
CA ASN C 138 -3.50 18.31 -4.27
C ASN C 138 -3.83 17.13 -5.19
N PHE C 139 -3.08 16.04 -5.12
CA PHE C 139 -3.30 14.89 -6.00
C PHE C 139 -3.28 13.59 -5.20
N TYR C 140 -3.69 12.51 -5.85
CA TYR C 140 -3.73 11.18 -5.25
C TYR C 140 -3.79 10.17 -6.39
N PRO C 141 -2.99 9.10 -6.30
CA PRO C 141 -2.13 8.76 -5.15
C PRO C 141 -0.78 9.49 -5.12
N ARG C 142 0.07 9.08 -4.18
CA ARG C 142 1.28 9.82 -3.84
C ARG C 142 2.34 9.74 -4.94
N GLU C 143 2.36 8.68 -5.74
CA GLU C 143 3.42 8.53 -6.74
C GLU C 143 3.20 9.45 -7.94
N ALA C 144 4.25 10.20 -8.29
CA ALA C 144 4.24 11.16 -9.38
C ALA C 144 5.66 11.32 -9.86
N LYS C 145 5.84 11.50 -11.16
CA LYS C 145 7.14 11.70 -11.77
C LYS C 145 7.24 13.14 -12.29
N VAL C 146 8.28 13.85 -11.88
CA VAL C 146 8.59 15.18 -12.40
C VAL C 146 9.91 15.10 -13.17
N GLN C 147 9.90 15.58 -14.41
CA GLN C 147 11.11 15.68 -15.22
C GLN C 147 11.37 17.13 -15.59
N TRP C 148 12.63 17.53 -15.50
CA TRP C 148 13.07 18.87 -15.87
C TRP C 148 13.79 18.82 -17.21
N LYS C 149 13.37 19.66 -18.14
CA LYS C 149 14.06 19.85 -19.40
C LYS C 149 14.51 21.30 -19.50
N VAL C 150 15.78 21.50 -19.82
CA VAL C 150 16.36 22.82 -20.08
C VAL C 150 16.78 22.84 -21.55
N ASP C 151 16.11 23.67 -22.36
CA ASP C 151 16.33 23.67 -23.80
C ASP C 151 16.23 22.25 -24.36
N ASN C 152 15.34 21.46 -23.78
CA ASN C 152 15.00 20.08 -24.16
C ASN C 152 16.00 19.04 -23.67
N ALA C 153 16.96 19.42 -22.84
CA ALA C 153 17.88 18.44 -22.28
C ALA C 153 17.34 17.96 -20.95
N LEU C 154 17.24 16.63 -20.79
CA LEU C 154 16.72 16.05 -19.55
C LEU C 154 17.72 16.24 -18.42
N GLN C 155 17.30 16.97 -17.37
CA GLN C 155 18.15 17.20 -16.21
C GLN C 155 18.17 15.98 -15.33
N SER C 156 19.36 15.66 -14.82
CA SER C 156 19.56 14.50 -13.96
C SER C 156 20.59 14.85 -12.92
N GLY C 157 20.23 14.70 -11.64
CA GLY C 157 21.14 14.90 -10.52
C GLY C 157 21.03 16.24 -9.82
N ASN C 158 20.33 17.22 -10.40
CA ASN C 158 20.28 18.57 -9.85
C ASN C 158 18.86 18.96 -9.44
N SER C 159 18.04 17.99 -9.05
CA SER C 159 16.73 18.30 -8.52
C SER C 159 16.48 17.52 -7.24
N GLN C 160 15.65 18.11 -6.37
CA GLN C 160 15.20 17.46 -5.16
C GLN C 160 13.69 17.65 -5.01
N GLU C 161 13.01 16.58 -4.61
CA GLU C 161 11.56 16.59 -4.38
C GLU C 161 11.25 16.53 -2.89
N SER C 162 10.04 16.98 -2.56
CA SER C 162 9.54 17.01 -1.19
C SER C 162 8.02 16.90 -1.24
N VAL C 163 7.46 16.04 -0.41
CA VAL C 163 6.05 15.69 -0.48
C VAL C 163 5.41 15.98 0.86
N THR C 164 4.24 16.61 0.83
CA THR C 164 3.51 16.82 2.07
C THR C 164 2.90 15.52 2.56
N GLU C 165 2.54 15.51 3.84
CA GLU C 165 1.75 14.42 4.35
C GLU C 165 0.32 14.52 3.84
N GLN C 166 -0.41 13.42 3.93
CA GLN C 166 -1.76 13.43 3.41
C GLN C 166 -2.59 14.50 4.09
N ASP C 167 -3.24 15.34 3.29
CA ASP C 167 -4.04 16.42 3.84
C ASP C 167 -5.18 15.86 4.69
N SER C 168 -5.45 16.51 5.79
CA SER C 168 -6.50 16.03 6.68
C SER C 168 -7.90 16.38 6.22
N LYS C 169 -8.05 17.22 5.20
CA LYS C 169 -9.40 17.58 4.74
C LYS C 169 -9.81 16.77 3.52
N ASP C 170 -8.97 16.71 2.48
CA ASP C 170 -9.28 16.03 1.22
C ASP C 170 -8.40 14.82 0.92
N SER C 171 -7.44 14.49 1.79
CA SER C 171 -6.64 13.27 1.69
C SER C 171 -5.70 13.25 0.50
N THR C 172 -5.35 14.41 -0.06
CA THR C 172 -4.40 14.47 -1.16
C THR C 172 -2.99 14.72 -0.65
N TYR C 173 -2.04 14.62 -1.57
CA TYR C 173 -0.67 15.04 -1.35
C TYR C 173 -0.38 16.22 -2.26
N SER C 174 0.63 17.00 -1.88
CA SER C 174 1.27 17.94 -2.77
C SER C 174 2.77 17.69 -2.78
N LEU C 175 3.41 18.11 -3.86
CA LEU C 175 4.82 17.87 -4.11
C LEU C 175 5.46 19.12 -4.70
N SER C 176 6.68 19.40 -4.26
CA SER C 176 7.51 20.43 -4.87
C SER C 176 8.80 19.78 -5.37
N SER C 177 9.14 20.07 -6.61
CA SER C 177 10.41 19.69 -7.20
C SER C 177 11.21 20.98 -7.40
N THR C 178 12.46 20.97 -6.97
CA THR C 178 13.32 22.14 -7.08
C THR C 178 14.54 21.81 -7.93
N LEU C 179 14.69 22.52 -9.05
CA LEU C 179 15.85 22.40 -9.92
C LEU C 179 16.86 23.49 -9.53
N THR C 180 18.07 23.07 -9.20
CA THR C 180 19.12 23.99 -8.78
C THR C 180 20.21 24.05 -9.84
N LEU C 181 20.50 25.26 -10.30
CA LEU C 181 21.43 25.54 -11.38
C LEU C 181 22.30 26.70 -10.95
N SER C 182 23.52 26.74 -11.48
CA SER C 182 24.33 27.95 -11.33
C SER C 182 23.72 29.08 -12.15
N LYS C 183 23.95 30.32 -11.70
CA LYS C 183 23.49 31.46 -12.49
C LYS C 183 24.06 31.42 -13.90
N ALA C 184 25.33 31.00 -14.04
CA ALA C 184 25.94 30.93 -15.36
C ALA C 184 25.16 29.96 -16.25
N ASP C 185 24.89 28.75 -15.75
CA ASP C 185 24.13 27.79 -16.54
CA ASP C 185 24.13 27.79 -16.53
C ASP C 185 22.74 28.32 -16.87
N TYR C 186 22.04 28.86 -15.86
CA TYR C 186 20.70 29.41 -16.09
C TYR C 186 20.70 30.46 -17.21
N GLU C 187 21.69 31.35 -17.22
CA GLU C 187 21.75 32.41 -18.21
C GLU C 187 22.08 31.92 -19.62
N LYS C 188 22.51 30.67 -19.78
CA LYS C 188 22.88 30.16 -21.09
C LYS C 188 21.77 29.41 -21.80
N HIS C 189 20.59 29.32 -21.22
CA HIS C 189 19.52 28.53 -21.81
C HIS C 189 18.23 29.32 -21.75
N LYS C 190 17.24 28.86 -22.50
CA LYS C 190 16.05 29.68 -22.65
C LYS C 190 14.80 29.00 -22.10
N VAL C 191 14.51 27.79 -22.52
CA VAL C 191 13.24 27.15 -22.21
C VAL C 191 13.44 26.26 -20.99
N TYR C 192 12.66 26.53 -19.96
CA TYR C 192 12.66 25.73 -18.74
C TYR C 192 11.31 25.05 -18.62
N ALA C 193 11.34 23.72 -18.44
CA ALA C 193 10.13 22.91 -18.53
C ALA C 193 10.05 21.91 -17.38
N CYS C 194 8.83 21.69 -16.95
CA CYS C 194 8.50 20.75 -15.89
C CYS C 194 7.43 19.82 -16.46
N GLU C 195 7.78 18.55 -16.63
CA GLU C 195 6.87 17.57 -17.22
C GLU C 195 6.43 16.61 -16.12
N VAL C 196 5.12 16.45 -15.97
CA VAL C 196 4.54 15.72 -14.85
C VAL C 196 3.78 14.51 -15.38
N THR C 197 4.11 13.35 -14.83
CA THR C 197 3.42 12.09 -15.06
C THR C 197 2.72 11.64 -13.77
N HIS C 198 1.47 11.19 -13.90
CA HIS C 198 0.70 10.75 -12.73
C HIS C 198 -0.49 9.92 -13.20
N GLN C 199 -0.79 8.85 -12.45
CA GLN C 199 -1.92 7.98 -12.71
C GLN C 199 -3.17 8.74 -13.19
N GLY C 200 -3.47 9.86 -12.55
CA GLY C 200 -4.65 10.61 -12.92
C GLY C 200 -4.53 11.46 -14.15
N LEU C 201 -3.42 11.39 -14.87
CA LEU C 201 -3.24 12.14 -16.11
C LEU C 201 -3.18 11.17 -17.30
N SER C 202 -4.01 11.41 -18.30
CA SER C 202 -4.05 10.53 -19.47
C SER C 202 -2.79 10.69 -20.32
N SER C 203 -2.28 11.91 -20.40
CA SER C 203 -1.00 12.21 -21.03
C SER C 203 -0.29 13.23 -20.15
N PRO C 204 1.04 13.32 -20.26
CA PRO C 204 1.78 14.17 -19.32
C PRO C 204 1.42 15.64 -19.46
N VAL C 205 1.71 16.40 -18.40
CA VAL C 205 1.45 17.82 -18.36
C VAL C 205 2.78 18.55 -18.31
N THR C 206 2.96 19.54 -19.19
CA THR C 206 4.20 20.32 -19.24
C THR C 206 3.89 21.79 -18.99
N LYS C 207 4.65 22.39 -18.07
CA LYS C 207 4.56 23.81 -17.79
C LYS C 207 5.94 24.42 -18.04
N SER C 208 5.98 25.53 -18.78
CA SER C 208 7.24 26.12 -19.20
C SER C 208 7.24 27.62 -18.97
N PHE C 209 8.45 28.18 -19.03
CA PHE C 209 8.64 29.61 -19.19
C PHE C 209 9.93 29.79 -19.97
N ASN C 210 10.08 30.94 -20.60
CA ASN C 210 11.31 31.32 -21.28
C ASN C 210 12.04 32.35 -20.44
N ARG C 211 13.31 32.08 -20.17
CA ARG C 211 14.10 33.04 -19.41
C ARG C 211 14.10 34.38 -20.12
N GLY C 212 13.54 35.40 -19.45
CA GLY C 212 13.47 36.71 -20.05
C GLY C 212 12.04 37.11 -20.31
N ALA C 213 11.39 36.39 -21.22
CA ALA C 213 10.00 36.65 -21.62
C ALA C 213 9.10 36.83 -20.39
N GLN D 1 -5.91 27.56 30.84
CA GLN D 1 -5.93 26.09 30.86
C GLN D 1 -4.55 25.54 31.18
N VAL D 2 -4.41 24.21 31.14
CA VAL D 2 -3.12 23.58 31.39
C VAL D 2 -2.25 23.63 30.14
N GLN D 3 -1.04 24.17 30.29
CA GLN D 3 -0.11 24.28 29.17
C GLN D 3 1.31 24.08 29.66
N LEU D 4 2.10 23.38 28.85
CA LEU D 4 3.53 23.26 29.01
C LEU D 4 4.19 23.91 27.80
N LYS D 5 5.09 24.86 28.03
CA LYS D 5 5.72 25.63 26.96
C LYS D 5 7.21 25.58 27.12
N GLN D 6 7.90 25.14 26.07
CA GLN D 6 9.31 24.79 26.15
C GLN D 6 10.15 25.85 25.45
N SER D 7 11.40 25.98 25.89
CA SER D 7 12.34 26.89 25.23
C SER D 7 12.58 26.42 23.80
N GLY D 8 13.15 27.33 23.00
CA GLY D 8 13.20 27.16 21.56
C GLY D 8 14.16 26.11 21.05
N PRO D 9 14.05 25.78 19.76
CA PRO D 9 14.92 24.77 19.16
C PRO D 9 16.32 25.32 18.90
N GLY D 10 17.28 24.40 18.77
CA GLY D 10 18.63 24.86 18.55
C GLY D 10 19.62 23.74 18.26
N LEU D 11 20.87 24.16 18.12
CA LEU D 11 22.01 23.33 17.77
C LEU D 11 22.85 23.08 19.02
N VAL D 12 23.34 21.84 19.18
CA VAL D 12 24.23 21.47 20.27
C VAL D 12 25.47 20.82 19.69
N GLN D 13 26.64 21.33 20.03
CA GLN D 13 27.88 20.76 19.50
C GLN D 13 28.12 19.39 20.13
N PRO D 14 28.68 18.44 19.37
CA PRO D 14 28.91 17.10 19.93
C PRO D 14 29.76 17.19 21.19
N SER D 15 29.44 16.30 22.14
CA SER D 15 30.07 16.20 23.46
C SER D 15 29.74 17.37 24.36
N GLN D 16 28.90 18.31 23.93
CA GLN D 16 28.51 19.41 24.78
C GLN D 16 27.14 19.12 25.39
N SER D 17 26.56 20.10 26.06
CA SER D 17 25.37 19.88 26.87
C SER D 17 24.12 20.44 26.20
N LEU D 18 22.97 19.96 26.66
CA LEU D 18 21.67 20.38 26.16
C LEU D 18 20.83 20.88 27.33
N SER D 19 20.22 22.06 27.17
CA SER D 19 19.42 22.65 28.24
C SER D 19 18.08 23.10 27.69
N ILE D 20 17.00 22.63 28.31
CA ILE D 20 15.64 22.96 27.90
C ILE D 20 14.84 23.36 29.14
N THR D 21 14.02 24.39 29.01
CA THR D 21 13.17 24.88 30.08
C THR D 21 11.72 24.63 29.74
N CYS D 22 10.99 24.01 30.69
CA CYS D 22 9.55 23.80 30.59
C CYS D 22 8.90 24.75 31.57
N THR D 23 8.16 25.73 31.06
CA THR D 23 7.37 26.65 31.88
C THR D 23 5.93 26.17 31.88
N VAL D 24 5.40 25.84 33.06
CA VAL D 24 4.06 25.29 33.15
C VAL D 24 3.09 26.39 33.56
N SER D 25 1.82 26.16 33.26
CA SER D 25 0.75 27.13 33.48
C SER D 25 -0.53 26.35 33.74
N GLY D 26 -1.35 26.83 34.67
CA GLY D 26 -2.63 26.21 34.95
C GLY D 26 -2.60 25.07 35.94
N PHE D 27 -1.49 24.88 36.64
CA PHE D 27 -1.34 23.88 37.69
C PHE D 27 -0.01 24.13 38.37
N SER D 28 0.14 23.63 39.60
CA SER D 28 1.34 23.90 40.37
C SER D 28 2.35 22.77 40.29
N LEU D 29 3.62 23.14 40.18
CA LEU D 29 4.67 22.12 40.15
C LEU D 29 4.69 21.32 41.43
N THR D 30 4.20 21.89 42.53
CA THR D 30 4.11 21.18 43.81
C THR D 30 3.02 20.11 43.83
N ASN D 31 2.12 20.06 42.83
CA ASN D 31 1.03 19.11 42.84
C ASN D 31 1.09 18.04 41.74
N TYR D 32 1.99 18.16 40.77
CA TYR D 32 2.13 17.17 39.70
C TYR D 32 3.60 17.00 39.35
N GLY D 33 3.99 15.77 39.00
CA GLY D 33 5.30 15.54 38.44
C GLY D 33 5.35 15.99 36.99
N VAL D 34 6.54 16.33 36.53
CA VAL D 34 6.76 16.63 35.11
C VAL D 34 7.76 15.63 34.55
N HIS D 35 7.36 14.95 33.47
CA HIS D 35 8.16 13.92 32.81
C HIS D 35 8.81 14.51 31.56
N TRP D 36 9.84 13.82 31.07
CA TRP D 36 10.47 14.19 29.81
C TRP D 36 10.50 13.00 28.87
N VAL D 37 9.97 13.20 27.67
CA VAL D 37 9.96 12.18 26.63
C VAL D 37 10.67 12.75 25.41
N ARG D 38 11.39 11.89 24.68
CA ARG D 38 12.01 12.32 23.43
C ARG D 38 11.61 11.39 22.28
N GLN D 39 11.66 11.93 21.08
CA GLN D 39 11.25 11.22 19.88
C GLN D 39 12.41 11.26 18.89
N SER D 40 13.08 10.12 18.69
CA SER D 40 14.24 10.09 17.81
C SER D 40 14.07 9.01 16.75
N PRO D 41 14.72 9.17 15.60
CA PRO D 41 14.58 8.14 14.55
C PRO D 41 15.14 6.80 14.96
N GLY D 42 16.25 6.79 15.70
CA GLY D 42 16.85 5.53 16.10
C GLY D 42 15.99 4.74 17.08
N LYS D 43 15.46 5.40 18.11
CA LYS D 43 14.81 4.70 19.21
C LYS D 43 13.35 5.10 19.43
N GLY D 44 12.72 5.77 18.47
CA GLY D 44 11.30 6.06 18.58
C GLY D 44 10.99 6.98 19.74
N LEU D 45 9.77 6.83 20.27
CA LEU D 45 9.38 7.48 21.51
C LEU D 45 10.04 6.82 22.71
N GLU D 46 10.61 7.62 23.59
CA GLU D 46 11.51 7.13 24.63
C GLU D 46 11.33 8.01 25.86
N TRP D 47 10.88 7.40 26.97
CA TRP D 47 10.70 8.12 28.23
C TRP D 47 12.05 8.34 28.90
N LEU D 48 12.32 9.59 29.29
CA LEU D 48 13.64 9.96 29.78
C LEU D 48 13.72 10.04 31.30
N GLY D 49 12.72 10.64 31.94
CA GLY D 49 12.79 10.85 33.37
C GLY D 49 11.64 11.72 33.82
N VAL D 50 11.62 11.94 35.14
CA VAL D 50 10.56 12.70 35.78
C VAL D 50 11.15 13.38 37.01
N ILE D 51 10.65 14.57 37.30
CA ILE D 51 10.83 15.20 38.61
C ILE D 51 9.45 15.30 39.26
N TRP D 52 9.34 14.78 40.48
CA TRP D 52 8.07 14.61 41.14
C TRP D 52 7.71 15.84 41.96
N SER D 53 6.44 15.87 42.40
CA SER D 53 5.92 17.00 43.18
C SER D 53 6.91 17.43 44.25
N GLY D 54 7.37 16.49 45.09
CA GLY D 54 8.27 16.81 46.18
C GLY D 54 9.74 16.97 45.81
N GLY D 55 10.09 16.98 44.52
CA GLY D 55 11.45 17.23 44.08
C GLY D 55 12.30 16.00 43.79
N ASN D 56 11.82 14.79 44.10
CA ASN D 56 12.55 13.59 43.75
C ASN D 56 12.67 13.47 42.22
N THR D 57 13.67 12.71 41.77
CA THR D 57 13.85 12.45 40.36
C THR D 57 14.06 10.97 40.11
N ASP D 58 13.59 10.53 38.94
CA ASP D 58 13.88 9.22 38.41
C ASP D 58 14.36 9.40 36.98
N TYR D 59 15.44 8.71 36.63
CA TYR D 59 15.99 8.74 35.29
C TYR D 59 15.95 7.34 34.70
N ASN D 60 15.50 7.24 33.46
CA ASN D 60 15.58 5.97 32.74
C ASN D 60 17.03 5.50 32.68
N THR D 61 17.23 4.20 32.95
CA THR D 61 18.56 3.62 33.16
C THR D 61 19.64 4.10 32.19
N PRO D 62 19.41 4.17 30.87
CA PRO D 62 20.48 4.62 29.97
C PRO D 62 20.85 6.10 30.08
N PHE D 63 20.24 6.85 30.99
CA PHE D 63 20.54 8.27 31.10
C PHE D 63 20.92 8.68 32.52
N THR D 64 20.97 7.73 33.47
CA THR D 64 21.20 8.06 34.86
C THR D 64 22.49 8.85 35.04
N SER D 65 23.49 8.61 34.21
CA SER D 65 24.81 9.22 34.37
C SER D 65 24.96 10.57 33.67
N ARG D 66 24.05 10.96 32.78
CA ARG D 66 24.24 12.20 32.05
C ARG D 66 23.02 13.12 32.07
N LEU D 67 22.04 12.85 32.90
CA LEU D 67 20.79 13.59 32.91
C LEU D 67 20.52 14.16 34.30
N SER D 68 20.07 15.41 34.35
CA SER D 68 19.63 15.98 35.61
C SER D 68 18.43 16.89 35.35
N ILE D 69 17.39 16.74 36.17
CA ILE D 69 16.16 17.51 36.08
C ILE D 69 16.01 18.26 37.40
N ASN D 70 15.93 19.59 37.31
CA ASN D 70 15.67 20.46 38.46
C ASN D 70 14.43 21.30 38.18
N LYS D 71 14.00 22.06 39.17
CA LYS D 71 12.82 22.91 38.97
C LYS D 71 12.82 24.06 39.98
N ASP D 72 12.09 25.11 39.61
CA ASP D 72 11.78 26.21 40.52
C ASP D 72 10.26 26.26 40.64
N ASN D 73 9.74 25.88 41.82
CA ASN D 73 8.29 25.84 42.01
C ASN D 73 7.67 27.22 41.86
N SER D 74 8.32 28.25 42.41
CA SER D 74 7.73 29.59 42.40
C SER D 74 7.68 30.16 40.99
N LYS D 75 8.67 29.86 40.16
CA LYS D 75 8.67 30.35 38.79
C LYS D 75 7.98 29.38 37.82
N SER D 76 7.44 28.27 38.30
CA SER D 76 6.74 27.29 37.47
C SER D 76 7.64 26.80 36.34
N GLN D 77 8.92 26.63 36.62
CA GLN D 77 9.87 26.21 35.60
C GLN D 77 10.47 24.86 35.94
N VAL D 78 10.61 24.01 34.93
CA VAL D 78 11.36 22.76 35.05
C VAL D 78 12.56 22.85 34.14
N PHE D 79 13.73 22.46 34.65
CA PHE D 79 15.00 22.57 33.93
C PHE D 79 15.53 21.17 33.61
N PHE D 80 15.62 20.86 32.32
CA PHE D 80 16.10 19.58 31.83
C PHE D 80 17.50 19.77 31.27
N LYS D 81 18.44 18.93 31.69
CA LYS D 81 19.83 19.08 31.26
C LYS D 81 20.46 17.72 31.06
N MET D 82 21.13 17.55 29.91
CA MET D 82 21.73 16.29 29.52
C MET D 82 23.10 16.53 28.91
N ASN D 83 24.05 15.64 29.23
CA ASN D 83 25.47 15.84 28.97
C ASN D 83 25.95 14.96 27.82
N SER D 84 27.10 15.36 27.27
CA SER D 84 27.84 14.55 26.29
C SER D 84 26.94 14.12 25.15
N LEU D 85 26.23 15.08 24.58
CA LEU D 85 25.32 14.78 23.48
C LEU D 85 26.09 14.27 22.28
N GLN D 86 25.49 13.31 21.58
CA GLN D 86 26.09 12.73 20.40
C GLN D 86 25.10 12.81 19.25
N SER D 87 25.59 12.46 18.06
CA SER D 87 24.79 12.59 16.86
C SER D 87 23.40 11.99 17.02
N ASN D 88 23.31 10.77 17.57
CA ASN D 88 22.02 10.10 17.66
C ASN D 88 21.17 10.62 18.82
N ASP D 89 21.66 11.60 19.58
CA ASP D 89 20.81 12.30 20.52
C ASP D 89 20.00 13.39 19.84
N THR D 90 20.15 13.53 18.53
CA THR D 90 19.27 14.42 17.77
C THR D 90 17.85 13.88 17.85
N ALA D 91 16.93 14.69 18.36
CA ALA D 91 15.59 14.22 18.67
C ALA D 91 14.70 15.42 19.00
N ILE D 92 13.39 15.18 19.07
CA ILE D 92 12.46 16.15 19.62
C ILE D 92 12.25 15.81 21.08
N TYR D 93 12.46 16.82 21.94
CA TYR D 93 12.36 16.67 23.39
C TYR D 93 11.08 17.33 23.89
N TYR D 94 10.29 16.58 24.65
CA TYR D 94 9.03 17.06 25.21
C TYR D 94 9.10 16.98 26.72
N CYS D 95 8.54 17.99 27.38
CA CYS D 95 8.07 17.80 28.75
C CYS D 95 6.60 17.37 28.70
N ALA D 96 6.15 16.74 29.79
CA ALA D 96 4.81 16.17 29.79
C ALA D 96 4.29 16.04 31.21
N ARG D 97 2.97 16.06 31.35
CA ARG D 97 2.29 15.91 32.62
C ARG D 97 1.19 14.88 32.53
N ALA D 98 1.07 14.06 33.57
CA ALA D 98 0.06 13.00 33.61
C ALA D 98 -1.26 13.54 34.18
N LEU D 99 -2.30 12.69 34.11
CA LEU D 99 -3.61 13.08 34.62
C LEU D 99 -3.60 13.26 36.12
N THR D 100 -2.87 12.40 36.82
CA THR D 100 -2.74 12.44 38.25
C THR D 100 -1.30 12.71 38.63
N TYR D 101 -1.09 13.09 39.89
CA TYR D 101 0.23 13.49 40.34
C TYR D 101 1.25 12.35 40.25
N TYR D 102 0.79 11.11 40.36
CA TYR D 102 1.66 9.95 40.50
C TYR D 102 1.79 9.09 39.26
N ASP D 103 0.95 9.29 38.25
CA ASP D 103 0.79 8.32 37.18
C ASP D 103 1.62 8.71 35.95
N TYR D 104 1.41 7.99 34.84
CA TYR D 104 2.25 8.12 33.67
C TYR D 104 1.47 8.18 32.37
N GLU D 105 0.16 8.50 32.42
CA GLU D 105 -0.62 8.72 31.21
C GLU D 105 -0.54 10.21 30.89
N PHE D 106 0.19 10.54 29.82
CA PHE D 106 0.57 11.92 29.53
C PHE D 106 -0.53 12.61 28.74
N ALA D 107 -1.39 13.30 29.47
CA ALA D 107 -2.51 14.02 28.87
C ALA D 107 -2.11 15.42 28.40
N TYR D 108 -0.99 15.96 28.88
CA TYR D 108 -0.56 17.30 28.53
C TYR D 108 0.90 17.25 28.13
N TRP D 109 1.22 17.86 26.98
CA TRP D 109 2.57 17.87 26.44
C TRP D 109 3.02 19.30 26.15
N GLY D 110 4.34 19.50 26.15
CA GLY D 110 4.89 20.72 25.57
C GLY D 110 4.83 20.65 24.05
N GLN D 111 5.22 21.74 23.39
CA GLN D 111 5.17 21.72 21.94
C GLN D 111 6.35 20.98 21.33
N GLY D 112 7.34 20.61 22.13
CA GLY D 112 8.52 19.96 21.61
C GLY D 112 9.63 20.94 21.29
N THR D 113 10.86 20.47 21.40
CA THR D 113 12.05 21.25 21.08
C THR D 113 12.93 20.37 20.22
N LEU D 114 13.05 20.72 18.92
CA LEU D 114 13.93 19.97 18.04
C LEU D 114 15.37 20.34 18.35
N VAL D 115 16.16 19.35 18.78
CA VAL D 115 17.56 19.53 19.14
C VAL D 115 18.39 18.81 18.10
N THR D 116 19.30 19.53 17.46
CA THR D 116 20.20 18.95 16.48
C THR D 116 21.59 18.91 17.07
N VAL D 117 22.21 17.73 17.04
CA VAL D 117 23.59 17.57 17.49
C VAL D 117 24.47 17.53 16.25
N SER D 118 25.37 18.50 16.14
CA SER D 118 26.14 18.71 14.94
C SER D 118 27.26 19.69 15.24
N ALA D 119 28.41 19.46 14.60
CA ALA D 119 29.54 20.38 14.72
C ALA D 119 29.44 21.57 13.75
N ALA D 120 28.46 21.59 12.86
CA ALA D 120 28.31 22.68 11.90
C ALA D 120 27.81 23.96 12.59
N SER D 121 27.73 25.03 11.82
CA SER D 121 27.35 26.35 12.30
C SER D 121 25.87 26.62 12.04
N THR D 122 25.31 27.52 12.84
CA THR D 122 23.96 28.03 12.61
C THR D 122 23.98 29.00 11.44
N LYS D 123 22.98 28.90 10.56
CA LYS D 123 22.84 29.82 9.44
C LYS D 123 21.37 30.08 9.18
N GLY D 124 20.99 31.35 9.19
CA GLY D 124 19.64 31.74 8.88
C GLY D 124 19.40 31.71 7.39
N PRO D 125 18.14 31.62 7.00
CA PRO D 125 17.80 31.33 5.60
C PRO D 125 17.80 32.58 4.72
N SER D 126 17.79 32.33 3.42
CA SER D 126 17.42 33.34 2.44
C SER D 126 15.99 33.06 2.00
N VAL D 127 15.19 34.11 1.91
CA VAL D 127 13.79 33.98 1.52
C VAL D 127 13.60 34.62 0.17
N PHE D 128 13.11 33.84 -0.79
CA PHE D 128 12.90 34.31 -2.15
C PHE D 128 11.46 34.08 -2.55
N PRO D 129 10.90 34.92 -3.43
CA PRO D 129 9.49 34.77 -3.85
C PRO D 129 9.33 33.68 -4.90
N LEU D 130 8.31 32.83 -4.71
CA LEU D 130 7.80 31.99 -5.78
C LEU D 130 6.60 32.72 -6.38
N ALA D 131 6.85 33.43 -7.47
CA ALA D 131 5.86 34.41 -7.95
C ALA D 131 5.12 33.90 -9.17
N PRO D 132 3.82 34.19 -9.25
CA PRO D 132 2.98 33.65 -10.33
C PRO D 132 2.90 34.55 -11.55
N SER D 133 2.46 33.93 -12.66
CA SER D 133 1.98 34.62 -13.86
C SER D 133 1.42 33.61 -14.86
N SER D 138 -3.81 29.26 -13.94
CA SER D 138 -4.39 27.96 -14.26
C SER D 138 -5.76 27.74 -13.60
N GLY D 139 -6.82 27.80 -14.41
CA GLY D 139 -8.18 27.61 -13.93
C GLY D 139 -8.66 28.71 -13.00
N GLY D 140 -8.37 29.97 -13.33
CA GLY D 140 -8.62 31.07 -12.43
C GLY D 140 -7.83 31.03 -11.14
N THR D 141 -7.09 29.95 -10.89
CA THR D 141 -6.34 29.77 -9.65
C THR D 141 -4.87 30.01 -9.91
N ALA D 142 -4.26 30.87 -9.09
CA ALA D 142 -2.83 31.10 -9.16
C ALA D 142 -2.16 30.55 -7.90
N ALA D 143 -0.91 30.13 -8.06
CA ALA D 143 -0.12 29.62 -6.95
C ALA D 143 1.04 30.56 -6.70
N LEU D 144 1.33 30.81 -5.43
CA LEU D 144 2.49 31.61 -5.09
C LEU D 144 3.12 31.04 -3.84
N GLY D 145 4.36 31.44 -3.58
CA GLY D 145 5.06 30.84 -2.47
C GLY D 145 6.32 31.57 -2.11
N CYS D 146 7.01 31.00 -1.12
CA CYS D 146 8.27 31.50 -0.58
C CYS D 146 9.27 30.35 -0.54
N LEU D 147 10.44 30.57 -1.13
CA LEU D 147 11.54 29.63 -1.05
C LEU D 147 12.43 30.04 0.11
N VAL D 148 12.48 29.20 1.13
CA VAL D 148 13.23 29.45 2.35
C VAL D 148 14.48 28.59 2.26
N LYS D 149 15.62 29.20 1.90
CA LYS D 149 16.76 28.47 1.36
C LYS D 149 18.01 28.64 2.20
N ASP D 150 18.76 27.54 2.37
CA ASP D 150 20.10 27.54 2.94
C ASP D 150 20.16 27.92 4.42
N TYR D 151 19.48 27.17 5.26
CA TYR D 151 19.49 27.44 6.69
C TYR D 151 19.91 26.19 7.44
N PHE D 152 20.41 26.40 8.64
CA PHE D 152 20.77 25.29 9.51
C PHE D 152 20.75 25.77 10.96
N PRO D 153 20.21 24.94 11.87
CA PRO D 153 19.54 23.68 11.56
C PRO D 153 18.04 23.82 11.40
N GLU D 154 17.35 22.70 11.34
CA GLU D 154 15.91 22.71 11.46
C GLU D 154 15.52 23.17 12.87
N PRO D 155 14.29 23.71 13.04
CA PRO D 155 13.31 23.91 11.99
C PRO D 155 13.10 25.38 11.64
N VAL D 156 12.28 25.64 10.63
CA VAL D 156 11.79 26.98 10.35
CA VAL D 156 11.78 26.98 10.33
C VAL D 156 10.27 26.91 10.31
N THR D 157 9.63 27.91 10.90
CA THR D 157 8.19 28.05 10.83
C THR D 157 7.87 29.06 9.75
N VAL D 158 6.81 28.79 9.01
CA VAL D 158 6.30 29.66 7.97
C VAL D 158 4.80 29.78 8.15
N SER D 159 4.31 31.01 8.20
CA SER D 159 2.88 31.28 8.13
C SER D 159 2.63 32.25 6.99
N TRP D 160 1.35 32.50 6.72
CA TRP D 160 0.93 33.42 5.68
C TRP D 160 0.02 34.48 6.27
N ASN D 161 0.27 35.74 5.90
CA ASN D 161 -0.51 36.88 6.37
C ASN D 161 -0.72 36.82 7.89
N SER D 162 0.39 36.60 8.60
CA SER D 162 0.37 36.55 10.07
C SER D 162 -0.58 35.51 10.60
N GLY D 163 -0.83 34.46 9.83
CA GLY D 163 -1.69 33.39 10.25
C GLY D 163 -3.13 33.51 9.79
N ALA D 164 -3.50 34.62 9.14
CA ALA D 164 -4.87 34.78 8.70
C ALA D 164 -5.17 34.00 7.42
N LEU D 165 -4.15 33.51 6.72
CA LEU D 165 -4.34 32.78 5.47
C LEU D 165 -3.91 31.35 5.70
N THR D 166 -4.88 30.46 5.84
CA THR D 166 -4.57 29.07 6.13
C THR D 166 -4.99 28.11 5.03
N SER D 167 -6.15 28.32 4.41
CA SER D 167 -6.62 27.35 3.42
C SER D 167 -5.83 27.48 2.13
N GLY D 168 -5.40 26.34 1.60
CA GLY D 168 -4.61 26.28 0.40
C GLY D 168 -3.12 26.32 0.64
N VAL D 169 -2.69 26.60 1.87
CA VAL D 169 -1.28 26.58 2.20
C VAL D 169 -0.77 25.15 2.25
N HIS D 170 0.40 24.92 1.65
CA HIS D 170 1.20 23.74 1.91
C HIS D 170 2.61 24.19 2.23
N THR D 171 3.12 23.78 3.38
CA THR D 171 4.51 24.02 3.72
C THR D 171 5.24 22.69 3.66
N PHE D 172 6.17 22.58 2.74
CA PHE D 172 6.74 21.28 2.46
C PHE D 172 7.79 20.93 3.53
N PRO D 173 8.04 19.63 3.73
CA PRO D 173 9.14 19.23 4.60
C PRO D 173 10.46 19.75 4.06
N ALA D 174 11.34 20.18 4.97
CA ALA D 174 12.67 20.63 4.58
C ALA D 174 13.44 19.50 3.91
N VAL D 175 14.34 19.84 2.99
CA VAL D 175 15.22 18.86 2.38
C VAL D 175 16.65 19.22 2.71
N LEU D 176 17.44 18.22 3.05
CA LEU D 176 18.86 18.42 3.26
C LEU D 176 19.55 18.51 1.90
N GLN D 177 20.24 19.61 1.65
CA GLN D 177 20.94 19.82 0.39
C GLN D 177 22.35 19.25 0.48
N SER D 178 22.97 19.04 -0.69
CA SER D 178 24.33 18.53 -0.72
C SER D 178 25.28 19.40 0.09
N SER D 179 24.95 20.67 0.29
CA SER D 179 25.76 21.60 1.07
C SER D 179 25.68 21.36 2.56
N GLY D 180 24.73 20.54 3.01
CA GLY D 180 24.45 20.40 4.43
C GLY D 180 23.54 21.47 4.99
N LEU D 181 23.05 22.38 4.16
CA LEU D 181 22.03 23.34 4.59
C LEU D 181 20.66 22.84 4.15
N TYR D 182 19.63 23.24 4.89
CA TYR D 182 18.26 22.90 4.54
C TYR D 182 17.63 23.92 3.60
N SER D 183 16.56 23.48 2.95
CA SER D 183 15.76 24.35 2.12
C SER D 183 14.33 23.84 2.15
N LEU D 184 13.37 24.77 2.10
CA LEU D 184 11.99 24.40 1.92
C LEU D 184 11.23 25.51 1.21
N SER D 185 10.09 25.11 0.66
CA SER D 185 9.14 26.01 0.03
C SER D 185 7.80 25.90 0.75
N SER D 186 7.09 27.03 0.79
CA SER D 186 5.73 27.11 1.26
C SER D 186 4.93 27.78 0.16
N VAL D 187 3.79 27.19 -0.21
CA VAL D 187 2.98 27.67 -1.32
C VAL D 187 1.53 27.79 -0.86
N VAL D 188 0.79 28.65 -1.54
CA VAL D 188 -0.64 28.78 -1.33
C VAL D 188 -1.27 29.03 -2.69
N THR D 189 -2.49 28.54 -2.88
CA THR D 189 -3.27 28.84 -4.07
C THR D 189 -4.32 29.88 -3.72
N VAL D 190 -4.44 30.88 -4.58
CA VAL D 190 -5.34 32.01 -4.40
C VAL D 190 -6.07 32.26 -5.70
N PRO D 191 -7.22 32.93 -5.64
CA PRO D 191 -7.86 33.38 -6.88
C PRO D 191 -6.96 34.36 -7.62
N SER D 192 -6.69 34.09 -8.90
CA SER D 192 -5.79 34.96 -9.64
C SER D 192 -6.29 36.40 -9.69
N SER D 193 -7.60 36.61 -9.67
CA SER D 193 -8.07 37.99 -9.74
C SER D 193 -7.88 38.75 -8.43
N SER D 194 -7.38 38.10 -7.39
CA SER D 194 -7.08 38.81 -6.16
C SER D 194 -5.61 39.23 -6.07
N LEU D 195 -4.79 38.86 -7.06
CA LEU D 195 -3.37 39.20 -7.04
C LEU D 195 -3.12 40.70 -7.03
N GLY D 196 -4.08 41.50 -7.48
CA GLY D 196 -3.86 42.93 -7.54
C GLY D 196 -4.18 43.63 -6.25
N THR D 197 -5.29 43.22 -5.63
CA THR D 197 -5.83 43.94 -4.49
C THR D 197 -5.43 43.34 -3.15
N GLN D 198 -5.11 42.05 -3.10
CA GLN D 198 -4.81 41.35 -1.85
C GLN D 198 -3.31 41.15 -1.71
N THR D 199 -2.76 41.45 -0.54
CA THR D 199 -1.33 41.25 -0.33
C THR D 199 -1.10 39.90 0.34
N TYR D 200 -0.04 39.23 -0.09
CA TYR D 200 0.27 37.90 0.42
C TYR D 200 1.69 37.95 0.98
N ILE D 201 1.78 37.80 2.30
CA ILE D 201 3.05 37.80 3.01
C ILE D 201 3.31 36.41 3.55
N CYS D 202 4.50 35.88 3.31
CA CYS D 202 4.93 34.74 4.09
C CYS D 202 5.74 35.25 5.28
N ASN D 203 5.43 34.72 6.46
CA ASN D 203 6.13 35.07 7.68
C ASN D 203 7.09 33.94 8.00
N VAL D 204 8.37 34.16 7.80
CA VAL D 204 9.37 33.12 8.02
C VAL D 204 10.10 33.39 9.32
N ASN D 205 10.25 32.36 10.14
CA ASN D 205 10.95 32.49 11.41
C ASN D 205 11.86 31.29 11.58
N HIS D 206 13.16 31.54 11.62
CA HIS D 206 14.15 30.52 11.91
C HIS D 206 14.70 30.86 13.30
N LYS D 207 14.05 30.29 14.32
CA LYS D 207 14.41 30.61 15.70
C LYS D 207 15.84 30.26 16.07
N PRO D 208 16.44 29.14 15.62
CA PRO D 208 17.83 28.87 16.00
C PRO D 208 18.78 30.01 15.70
N SER D 209 18.48 30.84 14.72
CA SER D 209 19.33 31.97 14.37
C SER D 209 18.65 33.31 14.66
N ASN D 210 17.48 33.30 15.29
CA ASN D 210 16.69 34.51 15.55
C ASN D 210 16.53 35.35 14.28
N THR D 211 16.27 34.67 13.16
CA THR D 211 15.99 35.32 11.88
C THR D 211 14.48 35.35 11.63
N LYS D 212 13.93 36.55 11.51
CA LYS D 212 12.52 36.74 11.13
C LYS D 212 12.45 37.55 9.84
N VAL D 213 11.67 37.04 8.90
CA VAL D 213 11.51 37.70 7.61
C VAL D 213 10.04 37.62 7.20
N ASP D 214 9.49 38.76 6.79
CA ASP D 214 8.18 38.87 6.18
C ASP D 214 8.38 39.24 4.72
N LYS D 215 8.00 38.35 3.81
CA LYS D 215 8.23 38.56 2.39
C LYS D 215 6.90 38.68 1.70
N ARG D 216 6.65 39.82 1.05
CA ARG D 216 5.49 39.94 0.18
C ARG D 216 5.78 39.28 -1.14
N VAL D 217 4.82 38.51 -1.65
CA VAL D 217 4.99 37.79 -2.90
C VAL D 217 3.93 38.30 -3.86
N GLU D 218 4.36 38.83 -4.98
CA GLU D 218 3.44 39.36 -5.97
C GLU D 218 3.96 39.00 -7.36
N PRO D 219 3.13 39.10 -8.38
CA PRO D 219 3.57 38.70 -9.73
C PRO D 219 4.64 39.66 -10.23
N LYS D 220 5.70 39.09 -10.82
CA LYS D 220 6.80 39.93 -11.33
C LYS D 220 6.40 40.72 -12.59
N GLY E 1 -10.96 -6.12 -2.41
CA GLY E 1 -11.73 -6.69 -1.31
C GLY E 1 -12.55 -7.92 -1.64
N GLN E 2 -12.90 -8.08 -2.91
CA GLN E 2 -13.69 -9.21 -3.38
C GLN E 2 -12.81 -10.22 -4.10
N GLN E 3 -13.17 -11.49 -3.97
CA GLN E 3 -12.39 -12.51 -4.64
CA GLN E 3 -12.43 -12.56 -4.62
C GLN E 3 -12.76 -12.58 -6.12
N ASP E 4 -11.77 -12.91 -6.93
CA ASP E 4 -11.87 -12.91 -8.38
C ASP E 4 -11.75 -14.35 -8.85
N LEU E 5 -12.82 -14.90 -9.44
CA LEU E 5 -12.83 -16.31 -9.78
C LEU E 5 -11.86 -16.66 -10.90
N SER E 6 -11.40 -15.67 -11.67
CA SER E 6 -10.41 -15.95 -12.72
C SER E 6 -9.05 -16.32 -12.12
N THR E 7 -8.63 -15.58 -11.10
CA THR E 7 -7.31 -15.75 -10.51
C THR E 7 -7.34 -16.37 -9.12
N ARG E 8 -8.51 -16.48 -8.51
CA ARG E 8 -8.67 -16.95 -7.13
C ARG E 8 -7.99 -16.04 -6.13
N ARG E 9 -7.79 -14.77 -6.49
CA ARG E 9 -7.10 -13.81 -5.65
C ARG E 9 -8.02 -12.64 -5.36
N LEU E 10 -7.79 -12.00 -4.22
CA LEU E 10 -8.61 -10.87 -3.81
C LEU E 10 -8.25 -9.65 -4.62
N LYS E 11 -9.27 -9.00 -5.19
CA LYS E 11 -9.11 -7.83 -6.03
C LYS E 11 -10.14 -6.80 -5.58
N GLY E 12 -9.67 -5.75 -4.91
CA GLY E 12 -10.56 -4.75 -4.36
C GLY E 12 -11.51 -5.32 -3.32
N GLY F 1 8.43 3.21 8.47
CA GLY F 1 8.57 2.57 9.76
C GLY F 1 9.27 3.34 10.86
N GLN F 2 9.79 4.53 10.56
CA GLN F 2 10.58 5.22 11.57
C GLN F 2 10.40 6.73 11.48
N GLN F 3 10.96 7.42 12.48
CA GLN F 3 10.54 8.75 12.88
C GLN F 3 11.28 9.83 12.09
N ASP F 4 10.52 10.70 11.40
CA ASP F 4 11.07 11.81 10.63
C ASP F 4 10.88 13.11 11.42
N LEU F 5 11.99 13.73 11.82
CA LEU F 5 11.93 14.90 12.69
C LEU F 5 11.46 16.15 11.96
N SER F 6 11.59 16.21 10.64
CA SER F 6 11.08 17.35 9.89
C SER F 6 9.57 17.47 10.00
N THR F 7 8.88 16.33 10.12
CA THR F 7 7.42 16.32 10.08
C THR F 7 6.79 15.73 11.33
N ARG F 8 7.57 15.11 12.22
CA ARG F 8 7.04 14.34 13.35
C ARG F 8 6.09 13.26 12.89
N ARG F 9 6.29 12.74 11.69
CA ARG F 9 5.48 11.67 11.14
C ARG F 9 6.36 10.48 10.76
N LEU F 10 5.79 9.29 10.90
CA LEU F 10 6.50 8.08 10.51
C LEU F 10 6.76 8.09 9.00
N LYS F 11 7.90 7.53 8.61
CA LYS F 11 8.28 7.46 7.21
C LYS F 11 9.07 6.17 7.03
N GLY F 12 8.45 5.18 6.40
CA GLY F 12 9.10 3.89 6.25
C GLY F 12 9.44 3.28 7.60
P PO4 G . 6.71 -22.62 1.15
O1 PO4 G . 6.31 -22.92 -0.27
O2 PO4 G . 5.68 -21.70 1.77
O3 PO4 G . 8.07 -21.94 1.20
O4 PO4 G . 6.76 -23.93 1.93
P PO4 H . 3.32 -15.14 -13.07
O1 PO4 H . 2.46 -15.23 -14.32
O2 PO4 H . 4.60 -14.42 -13.38
O3 PO4 H . 3.68 -16.54 -12.64
O4 PO4 H . 2.58 -14.39 -11.98
P PO4 I . -1.18 20.03 4.23
O1 PO4 I . -0.04 20.91 3.74
O2 PO4 I . -0.62 18.79 4.88
O3 PO4 I . -2.02 19.64 3.04
O4 PO4 I . -2.03 20.81 5.20
P PO4 J . -11.11 15.51 16.24
O1 PO4 J . -10.13 16.59 15.82
O2 PO4 J . -10.36 14.23 16.48
O3 PO4 J . -12.17 15.29 15.18
O4 PO4 J . -11.78 15.97 17.52
#